data_4TPJ
#
_entry.id   4TPJ
#
_cell.length_a   78.990
_cell.length_b   107.560
_cell.length_c   203.710
_cell.angle_alpha   90.00
_cell.angle_beta   90.00
_cell.angle_gamma   90.00
#
_symmetry.space_group_name_H-M   'P 21 21 21'
#
loop_
_entity.id
_entity.type
_entity.pdbx_description
1 polymer 'Proton:oligopeptide symporter POT family'
2 polymer ALA-ALA-ALA
3 non-polymer DODECYL-BETA-D-MALTOSIDE
4 non-polymer 'ZINC ION'
#
loop_
_entity_poly.entity_id
_entity_poly.type
_entity_poly.pdbx_seq_one_letter_code
_entity_poly.pdbx_strand_id
1 'polypeptide(L)'
;MTLGTNQVSKTHSFMTVSLIELWERFGYYGMQALIVYFMVQRLGFDDSRANLVWSACAALIYVSPAIGGWVGDKILGTKR
TMLLGAGILSVGYALMTVPTENTWFMFSALGVIVVGNGLFKPNAGNLVRKIYEGDDSKIDSAFTIYYMAVNVGSTFSMLL
TPWIKDYVNAQYGNEFGWHAAFAVCCVGILVGLGNYALMHKSLANYGSEPDTRPVNKKSLAIVLALAALSVVASAIILEY
EDVARVFVYAAGVAVLGIFFHLIRTSEPSERAGLIAALILTVQTVFFFIFYQQMSTSLALFALRNVDWDFQVFGTHLWTW
SPAQFQALNPIWIMVLSPVLAWSYSWAGRNNKDFSIAAKFALGFAVVAIGFFIYGFAGQFAVNGKTSSWVMIWGYASYSL
GELLVSGLGLAMIARYVPARMGGFMMGAYFVASGISQYLGGVVANFASVPQDLVDPLQTLPVYTNLFNKLGVAAVVCTII
ALAVLPLMRRLTESHHAHSSIENNAAASLRDVKAEQAENLYFQ
;
A,B
2 'polypeptide(L)' AAA C,E
#
loop_
_chem_comp.id
_chem_comp.type
_chem_comp.name
_chem_comp.formula
LMT D-saccharide DODECYL-BETA-D-MALTOSIDE 'C24 H46 O11'
ZN non-polymer 'ZINC ION' 'Zn 2'
#
# COMPACT_ATOMS: atom_id res chain seq x y z
N VAL A 8 -47.48 -11.63 10.47
CA VAL A 8 -47.00 -12.22 11.70
C VAL A 8 -46.03 -11.26 12.41
N SER A 9 -44.87 -11.04 11.81
CA SER A 9 -43.86 -10.13 12.35
C SER A 9 -42.92 -9.75 11.22
N LYS A 10 -42.05 -8.78 11.47
CA LYS A 10 -41.06 -8.40 10.48
C LYS A 10 -39.82 -9.25 10.70
N THR A 11 -39.44 -9.43 11.96
CA THR A 11 -38.28 -10.27 12.23
C THR A 11 -38.58 -11.73 11.90
N HIS A 12 -39.83 -12.18 12.02
CA HIS A 12 -40.21 -13.54 11.59
C HIS A 12 -40.06 -13.77 10.07
N SER A 13 -40.62 -12.85 9.29
CA SER A 13 -40.50 -12.91 7.83
C SER A 13 -39.03 -12.88 7.44
N PHE A 14 -38.33 -11.87 7.95
CA PHE A 14 -36.91 -11.73 7.70
C PHE A 14 -36.16 -13.00 8.12
N MET A 15 -36.68 -13.68 9.13
CA MET A 15 -36.08 -14.92 9.60
C MET A 15 -36.21 -15.99 8.54
N THR A 16 -37.43 -16.18 8.03
CA THR A 16 -37.61 -17.22 7.03
C THR A 16 -36.69 -16.95 5.83
N VAL A 17 -36.65 -15.70 5.38
CA VAL A 17 -35.94 -15.46 4.13
C VAL A 17 -34.42 -15.54 4.35
N SER A 18 -33.95 -15.16 5.52
CA SER A 18 -32.51 -15.26 5.81
C SER A 18 -32.09 -16.73 5.99
N LEU A 19 -33.02 -17.57 6.44
CA LEU A 19 -32.76 -19.01 6.60
C LEU A 19 -32.65 -19.72 5.26
N ILE A 20 -33.63 -19.46 4.38
CA ILE A 20 -33.60 -20.06 3.06
C ILE A 20 -32.35 -19.56 2.31
N GLU A 21 -32.01 -18.29 2.51
CA GLU A 21 -30.74 -17.74 2.00
C GLU A 21 -29.53 -18.54 2.48
N LEU A 22 -29.46 -18.72 3.80
CA LEU A 22 -28.39 -19.46 4.44
C LEU A 22 -28.14 -20.83 3.79
N TRP A 23 -29.21 -21.60 3.59
CA TRP A 23 -29.05 -22.95 3.02
C TRP A 23 -28.75 -22.96 1.52
N GLU A 24 -29.30 -21.97 0.80
CA GLU A 24 -28.94 -21.78 -0.60
C GLU A 24 -27.43 -21.58 -0.74
N ARG A 25 -26.89 -20.63 0.05
CA ARG A 25 -25.45 -20.33 0.03
C ARG A 25 -24.61 -21.49 0.52
N PHE A 26 -25.17 -22.29 1.43
CA PHE A 26 -24.57 -23.56 1.80
C PHE A 26 -24.30 -24.39 0.52
N GLY A 27 -25.37 -24.69 -0.22
CA GLY A 27 -25.23 -25.43 -1.48
C GLY A 27 -24.21 -24.82 -2.43
N TYR A 28 -24.34 -23.51 -2.65
CA TYR A 28 -23.49 -22.82 -3.63
C TYR A 28 -22.02 -22.89 -3.32
N TYR A 29 -21.65 -22.52 -2.10
CA TYR A 29 -20.23 -22.45 -1.79
C TYR A 29 -19.65 -23.83 -1.52
N GLY A 30 -20.51 -24.74 -1.07
CA GLY A 30 -20.16 -26.15 -1.02
C GLY A 30 -19.75 -26.68 -2.39
N MET A 31 -20.37 -26.16 -3.44
CA MET A 31 -19.97 -26.50 -4.81
C MET A 31 -18.74 -25.71 -5.32
N GLN A 32 -18.69 -24.41 -5.02
CA GLN A 32 -17.55 -23.57 -5.45
C GLN A 32 -16.21 -24.02 -4.85
N ALA A 33 -16.24 -24.41 -3.57
CA ALA A 33 -15.03 -24.89 -2.89
C ALA A 33 -14.45 -26.15 -3.54
N LEU A 34 -15.24 -26.84 -4.37
CA LEU A 34 -14.78 -28.06 -5.01
C LEU A 34 -14.67 -28.00 -6.55
N ILE A 35 -15.33 -27.03 -7.19
CA ILE A 35 -15.50 -27.08 -8.66
C ILE A 35 -14.19 -27.04 -9.45
N VAL A 36 -13.24 -26.19 -9.05
CA VAL A 36 -12.01 -26.11 -9.83
C VAL A 36 -11.12 -27.38 -9.59
N TYR A 37 -11.08 -27.86 -8.35
CA TYR A 37 -10.42 -29.12 -8.04
C TYR A 37 -11.08 -30.26 -8.82
N PHE A 38 -12.37 -30.19 -9.06
CA PHE A 38 -13.03 -31.25 -9.80
C PHE A 38 -12.51 -31.21 -11.21
N MET A 39 -12.50 -30.01 -11.80
CA MET A 39 -12.11 -29.88 -13.21
C MET A 39 -10.65 -30.24 -13.39
N VAL A 40 -9.81 -29.95 -12.41
CA VAL A 40 -8.35 -30.22 -12.52
C VAL A 40 -7.97 -31.65 -12.11
N GLN A 41 -8.53 -32.12 -11.00
CA GLN A 41 -8.20 -33.40 -10.41
C GLN A 41 -9.06 -34.60 -10.89
N ARG A 42 -10.38 -34.46 -10.91
CA ARG A 42 -11.24 -35.59 -11.29
C ARG A 42 -11.50 -35.65 -12.79
N LEU A 43 -12.07 -34.56 -13.32
CA LEU A 43 -12.04 -34.30 -14.77
C LEU A 43 -10.58 -34.06 -15.12
N GLY A 44 -10.23 -33.90 -16.38
CA GLY A 44 -8.81 -33.82 -16.63
C GLY A 44 -8.18 -32.45 -16.91
N PHE A 45 -8.93 -31.37 -16.67
CA PHE A 45 -8.58 -30.00 -17.13
C PHE A 45 -7.21 -29.44 -16.63
N ASP A 46 -6.57 -28.61 -17.45
CA ASP A 46 -5.42 -27.81 -17.01
C ASP A 46 -5.90 -26.54 -16.37
N ASP A 47 -5.11 -25.96 -15.46
CA ASP A 47 -5.66 -24.91 -14.61
C ASP A 47 -5.95 -23.60 -15.35
N SER A 48 -5.40 -23.44 -16.54
CA SER A 48 -5.77 -22.29 -17.35
C SER A 48 -7.25 -22.42 -17.76
N ARG A 49 -7.62 -23.59 -18.27
CA ARG A 49 -9.01 -23.82 -18.65
C ARG A 49 -9.90 -23.83 -17.47
N ALA A 50 -9.51 -24.57 -16.43
CA ALA A 50 -10.30 -24.66 -15.22
C ALA A 50 -10.66 -23.24 -14.69
N ASN A 51 -9.65 -22.37 -14.63
CA ASN A 51 -9.88 -20.96 -14.30
C ASN A 51 -10.88 -20.25 -15.22
N LEU A 52 -10.62 -20.28 -16.52
CA LEU A 52 -11.43 -19.52 -17.49
C LEU A 52 -12.90 -19.96 -17.50
N VAL A 53 -13.08 -21.27 -17.38
CA VAL A 53 -14.39 -21.93 -17.32
C VAL A 53 -15.14 -21.58 -16.06
N TRP A 54 -14.48 -21.73 -14.92
CA TRP A 54 -15.12 -21.36 -13.67
C TRP A 54 -15.40 -19.84 -13.57
N SER A 55 -14.53 -19.03 -14.19
CA SER A 55 -14.63 -17.56 -14.13
C SER A 55 -15.71 -17.05 -15.06
N ALA A 56 -15.87 -17.77 -16.17
CA ALA A 56 -16.94 -17.48 -17.07
C ALA A 56 -18.22 -17.87 -16.35
N CYS A 57 -18.19 -19.03 -15.71
CA CYS A 57 -19.38 -19.45 -14.97
C CYS A 57 -19.78 -18.44 -13.90
N ALA A 58 -18.82 -17.89 -13.17
CA ALA A 58 -19.10 -16.87 -12.18
C ALA A 58 -19.62 -15.60 -12.84
N ALA A 59 -19.00 -15.18 -13.93
CA ALA A 59 -19.47 -14.00 -14.67
C ALA A 59 -20.93 -14.17 -15.03
N LEU A 60 -21.29 -15.35 -15.49
CA LEU A 60 -22.68 -15.64 -15.82
C LEU A 60 -23.54 -15.58 -14.58
N ILE A 61 -23.19 -16.34 -13.55
CA ILE A 61 -23.90 -16.39 -12.28
C ILE A 61 -24.15 -14.99 -11.70
N TYR A 62 -23.23 -14.07 -11.95
CA TYR A 62 -23.28 -12.71 -11.41
C TYR A 62 -23.92 -11.71 -12.34
N VAL A 63 -24.16 -12.09 -13.60
CA VAL A 63 -24.87 -11.18 -14.49
C VAL A 63 -26.31 -11.69 -14.65
N SER A 64 -26.49 -12.91 -14.18
CA SER A 64 -27.73 -13.67 -14.23
C SER A 64 -28.88 -13.03 -13.45
N PRO A 65 -28.62 -12.54 -12.21
CA PRO A 65 -29.76 -12.04 -11.43
C PRO A 65 -30.33 -10.74 -11.94
N ALA A 66 -29.65 -10.09 -12.89
CA ALA A 66 -30.19 -8.91 -13.55
C ALA A 66 -31.49 -9.24 -14.27
N ILE A 67 -31.48 -10.31 -15.06
CA ILE A 67 -32.66 -10.75 -15.80
C ILE A 67 -33.71 -11.30 -14.83
N GLY A 68 -33.23 -12.15 -13.91
CA GLY A 68 -34.06 -12.89 -12.97
C GLY A 68 -34.77 -12.06 -11.91
N GLY A 69 -34.17 -10.92 -11.56
CA GLY A 69 -34.78 -10.01 -10.62
C GLY A 69 -36.00 -9.34 -11.20
N TRP A 70 -35.92 -9.06 -12.50
CA TRP A 70 -37.03 -8.45 -13.22
C TRP A 70 -38.20 -9.42 -13.39
N VAL A 71 -37.89 -10.71 -13.48
CA VAL A 71 -38.90 -11.75 -13.68
C VAL A 71 -39.78 -11.90 -12.43
N GLY A 72 -39.19 -11.76 -11.26
CA GLY A 72 -39.90 -11.93 -10.00
C GLY A 72 -40.75 -10.73 -9.64
N ASP A 73 -40.36 -9.55 -10.13
CA ASP A 73 -41.12 -8.33 -9.87
C ASP A 73 -42.25 -8.19 -10.86
N LYS A 74 -41.91 -8.36 -12.14
CA LYS A 74 -42.82 -7.96 -13.21
C LYS A 74 -43.48 -9.10 -14.00
N ILE A 75 -43.11 -10.38 -13.76
CA ILE A 75 -43.69 -11.49 -14.52
C ILE A 75 -44.24 -12.64 -13.66
N LEU A 76 -43.40 -13.33 -12.87
CA LEU A 76 -43.91 -14.31 -11.90
C LEU A 76 -43.82 -13.63 -10.52
N GLY A 77 -44.27 -14.24 -9.43
CA GLY A 77 -44.16 -13.61 -8.12
C GLY A 77 -42.73 -13.55 -7.60
N THR A 78 -42.39 -12.58 -6.73
CA THR A 78 -41.03 -12.58 -6.15
C THR A 78 -40.85 -13.84 -5.29
N LYS A 79 -41.88 -14.19 -4.51
CA LYS A 79 -41.88 -15.50 -3.84
C LYS A 79 -41.92 -16.67 -4.87
N ARG A 80 -42.78 -16.58 -5.88
CA ARG A 80 -42.82 -17.60 -6.92
C ARG A 80 -41.45 -17.75 -7.54
N THR A 81 -40.86 -16.64 -7.96
CA THR A 81 -39.59 -16.73 -8.69
C THR A 81 -38.47 -17.21 -7.79
N MET A 82 -38.45 -16.76 -6.54
CA MET A 82 -37.47 -17.25 -5.58
C MET A 82 -37.55 -18.76 -5.47
N LEU A 83 -38.78 -19.27 -5.34
CA LEU A 83 -38.99 -20.70 -5.19
C LEU A 83 -38.54 -21.45 -6.45
N LEU A 84 -39.02 -21.00 -7.61
CA LEU A 84 -38.65 -21.60 -8.88
C LEU A 84 -37.12 -21.66 -9.03
N GLY A 85 -36.45 -20.58 -8.64
CA GLY A 85 -35.00 -20.50 -8.60
C GLY A 85 -34.39 -21.57 -7.71
N ALA A 86 -34.95 -21.75 -6.52
CA ALA A 86 -34.46 -22.78 -5.60
C ALA A 86 -34.66 -24.23 -6.10
N GLY A 87 -35.79 -24.48 -6.77
CA GLY A 87 -36.02 -25.77 -7.36
C GLY A 87 -35.01 -26.06 -8.46
N ILE A 88 -34.91 -25.12 -9.40
CA ILE A 88 -34.04 -25.25 -10.57
C ILE A 88 -32.57 -25.44 -10.13
N LEU A 89 -32.18 -24.71 -9.10
CA LEU A 89 -30.88 -24.88 -8.44
C LEU A 89 -30.67 -26.34 -7.97
N SER A 90 -31.66 -26.85 -7.23
CA SER A 90 -31.66 -28.23 -6.77
C SER A 90 -31.45 -29.24 -7.92
N VAL A 91 -32.16 -29.04 -9.03
CA VAL A 91 -31.95 -29.89 -10.20
C VAL A 91 -30.48 -29.74 -10.71
N GLY A 92 -29.91 -28.55 -10.61
CA GLY A 92 -28.53 -28.34 -11.00
C GLY A 92 -27.55 -29.25 -10.30
N TYR A 93 -27.58 -29.22 -8.97
CA TYR A 93 -26.69 -30.11 -8.20
C TYR A 93 -27.06 -31.60 -8.42
N ALA A 94 -28.35 -31.87 -8.64
CA ALA A 94 -28.78 -33.22 -8.94
C ALA A 94 -28.00 -33.78 -10.12
N LEU A 95 -27.94 -32.99 -11.20
CA LEU A 95 -27.15 -33.34 -12.38
C LEU A 95 -25.67 -33.49 -12.08
N MET A 96 -25.20 -32.61 -11.18
CA MET A 96 -23.83 -32.66 -10.70
C MET A 96 -23.50 -33.95 -9.93
N THR A 97 -24.51 -34.70 -9.47
CA THR A 97 -24.17 -35.93 -8.75
C THR A 97 -24.28 -37.19 -9.59
N VAL A 98 -24.80 -37.15 -10.81
CA VAL A 98 -24.79 -38.39 -11.58
C VAL A 98 -23.34 -38.56 -11.98
N PRO A 99 -22.79 -39.73 -11.66
CA PRO A 99 -21.36 -40.00 -11.79
C PRO A 99 -21.01 -40.20 -13.24
N THR A 100 -21.00 -39.13 -14.03
CA THR A 100 -20.58 -39.20 -15.42
C THR A 100 -19.54 -38.16 -15.57
N GLU A 101 -18.45 -38.55 -16.20
CA GLU A 101 -17.36 -37.63 -16.55
C GLU A 101 -17.57 -37.09 -17.95
N ASN A 102 -18.80 -36.77 -18.31
CA ASN A 102 -19.08 -36.23 -19.62
C ASN A 102 -19.13 -34.74 -19.50
N THR A 103 -18.10 -34.04 -19.98
CA THR A 103 -18.02 -32.60 -19.71
C THR A 103 -19.34 -31.88 -20.02
N TRP A 104 -20.03 -32.27 -21.09
CA TRP A 104 -21.28 -31.62 -21.47
C TRP A 104 -22.39 -31.78 -20.42
N PHE A 105 -22.42 -32.95 -19.79
CA PHE A 105 -23.32 -33.22 -18.68
C PHE A 105 -23.08 -32.22 -17.56
N MET A 106 -21.82 -32.07 -17.19
CA MET A 106 -21.45 -31.18 -16.12
C MET A 106 -21.67 -29.69 -16.45
N PHE A 107 -21.32 -29.27 -17.66
CA PHE A 107 -21.55 -27.90 -18.10
C PHE A 107 -23.03 -27.56 -18.12
N SER A 108 -23.85 -28.56 -18.46
CA SER A 108 -25.28 -28.41 -18.42
C SER A 108 -25.76 -28.28 -16.99
N ALA A 109 -25.24 -29.11 -16.09
CA ALA A 109 -25.51 -28.95 -14.65
C ALA A 109 -25.20 -27.52 -14.19
N LEU A 110 -24.05 -27.00 -14.64
CA LEU A 110 -23.65 -25.63 -14.33
C LEU A 110 -24.58 -24.58 -14.92
N GLY A 111 -25.04 -24.79 -16.16
CA GLY A 111 -25.98 -23.87 -16.80
C GLY A 111 -27.27 -23.78 -16.02
N VAL A 112 -27.74 -24.95 -15.61
CA VAL A 112 -28.89 -25.06 -14.73
C VAL A 112 -28.64 -24.28 -13.43
N ILE A 113 -27.44 -24.37 -12.89
CA ILE A 113 -27.15 -23.55 -11.71
C ILE A 113 -27.15 -22.03 -12.03
N VAL A 114 -26.60 -21.62 -13.18
CA VAL A 114 -26.63 -20.21 -13.64
C VAL A 114 -28.08 -19.65 -13.74
N VAL A 115 -28.94 -20.36 -14.48
CA VAL A 115 -30.34 -20.00 -14.64
C VAL A 115 -31.01 -19.97 -13.25
N GLY A 116 -30.87 -21.06 -12.51
CA GLY A 116 -31.44 -21.16 -11.17
C GLY A 116 -31.06 -20.03 -10.20
N ASN A 117 -29.78 -19.66 -10.20
CA ASN A 117 -29.24 -18.60 -9.35
C ASN A 117 -29.73 -17.21 -9.77
N GLY A 118 -29.76 -16.96 -11.08
CA GLY A 118 -30.35 -15.73 -11.57
C GLY A 118 -31.78 -15.61 -11.08
N LEU A 119 -32.51 -16.72 -11.00
CA LEU A 119 -33.89 -16.65 -10.48
C LEU A 119 -33.99 -16.58 -8.94
N PHE A 120 -33.00 -17.10 -8.21
CA PHE A 120 -33.11 -17.09 -6.74
C PHE A 120 -32.63 -15.80 -6.11
N LYS A 121 -31.35 -15.47 -6.35
CA LYS A 121 -30.65 -14.42 -5.60
C LYS A 121 -31.35 -13.07 -5.49
N PRO A 122 -31.75 -12.44 -6.63
CA PRO A 122 -32.26 -11.09 -6.48
C PRO A 122 -33.59 -11.01 -5.73
N ASN A 123 -34.37 -12.08 -5.77
CA ASN A 123 -35.70 -12.06 -5.21
C ASN A 123 -35.73 -12.39 -3.72
N ALA A 124 -34.77 -13.17 -3.22
CA ALA A 124 -34.65 -13.35 -1.78
C ALA A 124 -34.18 -12.02 -1.22
N GLY A 125 -33.34 -11.33 -1.99
CA GLY A 125 -32.84 -10.03 -1.62
C GLY A 125 -33.94 -8.98 -1.53
N ASN A 126 -34.93 -9.07 -2.40
CA ASN A 126 -36.03 -8.12 -2.39
C ASN A 126 -36.91 -8.38 -1.20
N LEU A 127 -37.12 -9.66 -0.89
CA LEU A 127 -37.94 -10.03 0.25
C LEU A 127 -37.45 -9.42 1.56
N VAL A 128 -36.14 -9.50 1.82
CA VAL A 128 -35.54 -8.81 2.96
C VAL A 128 -35.92 -7.33 2.99
N ARG A 129 -35.92 -6.70 1.82
CA ARG A 129 -36.23 -5.28 1.70
C ARG A 129 -37.72 -4.93 1.87
N LYS A 130 -38.59 -5.85 1.47
CA LYS A 130 -40.02 -5.62 1.57
C LYS A 130 -40.43 -5.90 2.99
N ILE A 131 -39.65 -6.75 3.64
CA ILE A 131 -39.91 -7.13 5.02
C ILE A 131 -39.55 -5.95 5.93
N TYR A 132 -38.76 -5.01 5.42
CA TYR A 132 -38.37 -3.88 6.26
C TYR A 132 -38.64 -2.52 5.64
N GLU A 133 -39.59 -2.50 4.72
CA GLU A 133 -40.34 -1.29 4.39
C GLU A 133 -39.47 -0.08 4.08
N SER A 137 -34.43 2.36 7.20
CA SER A 137 -33.04 2.09 7.58
C SER A 137 -32.84 0.87 8.42
N LYS A 138 -33.91 0.23 8.82
CA LYS A 138 -33.76 -1.01 9.55
C LYS A 138 -33.62 -2.13 8.54
N ILE A 139 -33.51 -1.74 7.27
CA ILE A 139 -33.29 -2.69 6.20
C ILE A 139 -31.80 -2.96 6.13
N ASP A 140 -31.01 -2.08 6.74
CA ASP A 140 -29.56 -2.28 6.87
C ASP A 140 -29.33 -3.16 8.08
N SER A 141 -30.12 -2.88 9.13
CA SER A 141 -30.27 -3.74 10.28
C SER A 141 -30.55 -5.15 9.82
N ALA A 142 -31.38 -5.26 8.79
CA ALA A 142 -31.71 -6.57 8.24
C ALA A 142 -30.57 -7.12 7.39
N PHE A 143 -30.08 -6.31 6.47
CA PHE A 143 -29.14 -6.80 5.47
C PHE A 143 -27.79 -7.22 6.03
N THR A 144 -27.32 -6.59 7.11
CA THR A 144 -26.05 -7.04 7.66
C THR A 144 -26.19 -8.44 8.24
N ILE A 145 -27.28 -8.66 9.00
CA ILE A 145 -27.59 -9.97 9.58
C ILE A 145 -27.73 -11.01 8.45
N TYR A 146 -28.38 -10.60 7.37
CA TYR A 146 -28.48 -11.39 6.16
C TYR A 146 -27.11 -11.87 5.64
N TYR A 147 -26.32 -10.89 5.21
CA TYR A 147 -24.91 -11.11 4.76
C TYR A 147 -24.01 -11.79 5.84
N MET A 148 -24.54 -11.91 7.06
CA MET A 148 -23.87 -12.77 8.02
C MET A 148 -24.32 -14.21 7.89
N ALA A 149 -25.62 -14.39 7.69
CA ALA A 149 -26.24 -15.70 7.59
C ALA A 149 -25.63 -16.49 6.43
N VAL A 150 -25.45 -15.75 5.34
CA VAL A 150 -24.70 -16.24 4.19
C VAL A 150 -23.39 -16.87 4.65
N ASN A 151 -22.67 -16.14 5.48
CA ASN A 151 -21.33 -16.54 5.91
C ASN A 151 -21.32 -17.74 6.85
N VAL A 152 -22.30 -17.87 7.75
CA VAL A 152 -22.29 -19.08 8.56
C VAL A 152 -22.63 -20.29 7.67
N GLY A 153 -23.61 -20.13 6.78
CA GLY A 153 -23.93 -21.19 5.83
C GLY A 153 -22.73 -21.68 5.00
N SER A 154 -22.07 -20.73 4.33
CA SER A 154 -20.93 -21.04 3.48
C SER A 154 -19.73 -21.54 4.28
N THR A 155 -19.64 -21.17 5.56
CA THR A 155 -18.62 -21.76 6.42
C THR A 155 -18.91 -23.25 6.59
N PHE A 156 -20.16 -23.55 6.93
CA PHE A 156 -20.59 -24.92 7.12
C PHE A 156 -20.29 -25.81 5.89
N SER A 157 -20.69 -25.34 4.70
CA SER A 157 -20.50 -26.20 3.52
C SER A 157 -19.06 -26.23 3.05
N MET A 158 -18.37 -25.09 3.07
CA MET A 158 -16.98 -25.08 2.62
C MET A 158 -16.08 -25.86 3.57
N LEU A 159 -16.56 -26.13 4.79
CA LEU A 159 -15.84 -27.03 5.69
C LEU A 159 -16.26 -28.47 5.48
N LEU A 160 -17.55 -28.70 5.23
CA LEU A 160 -18.08 -30.06 5.13
C LEU A 160 -17.82 -30.79 3.79
N THR A 161 -18.24 -30.20 2.66
CA THR A 161 -18.18 -30.92 1.38
C THR A 161 -16.77 -31.36 0.95
N PRO A 162 -15.70 -30.63 1.34
CA PRO A 162 -14.39 -31.22 1.02
C PRO A 162 -14.12 -32.51 1.78
N TRP A 163 -14.64 -32.59 2.99
CA TRP A 163 -14.49 -33.78 3.82
C TRP A 163 -15.32 -34.94 3.30
N ILE A 164 -16.54 -34.66 2.84
CA ILE A 164 -17.35 -35.73 2.26
C ILE A 164 -16.66 -36.28 1.03
N LYS A 165 -16.08 -35.38 0.23
CA LYS A 165 -15.41 -35.81 -0.98
C LYS A 165 -14.32 -36.79 -0.62
N ASP A 166 -13.49 -36.40 0.35
CA ASP A 166 -12.37 -37.22 0.78
C ASP A 166 -12.84 -38.53 1.40
N TYR A 167 -13.80 -38.45 2.30
CA TYR A 167 -14.22 -39.64 3.00
C TYR A 167 -14.81 -40.63 2.01
N VAL A 168 -15.73 -40.19 1.15
CA VAL A 168 -16.35 -41.10 0.17
C VAL A 168 -15.33 -41.55 -0.87
N ASN A 169 -14.43 -40.66 -1.32
CA ASN A 169 -13.36 -41.04 -2.25
C ASN A 169 -12.48 -42.15 -1.70
N ALA A 170 -12.51 -42.33 -0.38
CA ALA A 170 -11.67 -43.32 0.28
C ALA A 170 -12.42 -44.63 0.51
N GLN A 171 -13.66 -44.54 0.96
CA GLN A 171 -14.48 -45.73 1.23
C GLN A 171 -14.99 -46.36 -0.08
N TYR A 172 -14.94 -45.59 -1.16
CA TYR A 172 -15.37 -46.02 -2.50
C TYR A 172 -14.39 -45.44 -3.54
N GLY A 173 -14.52 -45.80 -4.82
CA GLY A 173 -13.52 -45.43 -5.82
C GLY A 173 -13.81 -44.23 -6.74
N ASN A 174 -13.14 -43.10 -6.47
CA ASN A 174 -13.13 -41.90 -7.33
C ASN A 174 -14.50 -41.31 -7.69
N GLU A 175 -15.43 -42.15 -8.13
CA GLU A 175 -16.83 -41.77 -8.29
C GLU A 175 -17.72 -42.66 -7.41
N PHE A 176 -18.51 -42.06 -6.51
CA PHE A 176 -18.71 -40.62 -6.45
C PHE A 176 -17.57 -39.82 -5.82
N GLY A 177 -17.42 -39.88 -4.50
CA GLY A 177 -16.50 -38.95 -3.88
C GLY A 177 -16.96 -37.52 -4.18
N TRP A 178 -16.60 -37.00 -5.35
CA TRP A 178 -17.02 -35.64 -5.76
C TRP A 178 -18.53 -35.55 -5.85
N HIS A 179 -19.13 -36.55 -6.49
CA HIS A 179 -20.56 -36.54 -6.74
C HIS A 179 -21.27 -36.70 -5.43
N ALA A 180 -20.63 -37.38 -4.47
CA ALA A 180 -21.11 -37.40 -3.08
C ALA A 180 -21.23 -35.98 -2.54
N ALA A 181 -20.15 -35.21 -2.66
CA ALA A 181 -20.15 -33.80 -2.24
C ALA A 181 -21.23 -32.95 -2.94
N PHE A 182 -21.36 -33.07 -4.27
CA PHE A 182 -22.41 -32.33 -4.98
C PHE A 182 -23.83 -32.73 -4.51
N ALA A 183 -24.00 -33.99 -4.12
CA ALA A 183 -25.27 -34.45 -3.53
C ALA A 183 -25.50 -33.76 -2.20
N VAL A 184 -24.44 -33.62 -1.41
CA VAL A 184 -24.52 -32.84 -0.17
C VAL A 184 -25.03 -31.40 -0.47
N CYS A 185 -24.49 -30.78 -1.53
CA CYS A 185 -25.02 -29.47 -1.97
C CYS A 185 -26.54 -29.52 -2.25
N CYS A 186 -26.93 -30.49 -3.07
CA CYS A 186 -28.33 -30.66 -3.44
C CYS A 186 -29.26 -30.82 -2.22
N VAL A 187 -28.89 -31.64 -1.24
CA VAL A 187 -29.76 -31.81 -0.05
C VAL A 187 -29.67 -30.59 0.90
N GLY A 188 -28.63 -29.77 0.75
CA GLY A 188 -28.61 -28.49 1.44
C GLY A 188 -29.72 -27.61 0.88
N ILE A 189 -29.73 -27.48 -0.45
CA ILE A 189 -30.79 -26.73 -1.15
C ILE A 189 -32.18 -27.23 -0.78
N LEU A 190 -32.35 -28.56 -0.80
CA LEU A 190 -33.62 -29.19 -0.43
C LEU A 190 -34.04 -28.87 1.02
N VAL A 191 -33.07 -28.91 1.94
CA VAL A 191 -33.32 -28.51 3.33
C VAL A 191 -33.83 -27.07 3.41
N GLY A 192 -33.19 -26.16 2.68
CA GLY A 192 -33.66 -24.78 2.62
C GLY A 192 -35.09 -24.63 2.11
N LEU A 193 -35.39 -25.38 1.04
CA LEU A 193 -36.73 -25.37 0.44
C LEU A 193 -37.79 -25.89 1.41
N GLY A 194 -37.48 -26.98 2.12
CA GLY A 194 -38.39 -27.50 3.15
C GLY A 194 -38.61 -26.51 4.29
N ASN A 195 -37.53 -25.82 4.68
CA ASN A 195 -37.61 -24.73 5.65
C ASN A 195 -38.66 -23.69 5.22
N TYR A 196 -38.43 -23.04 4.07
CA TYR A 196 -39.43 -22.09 3.54
C TYR A 196 -40.82 -22.68 3.54
N ALA A 197 -40.94 -23.90 3.01
CA ALA A 197 -42.24 -24.56 2.93
C ALA A 197 -42.92 -24.68 4.31
N LEU A 198 -42.12 -24.90 5.36
CA LEU A 198 -42.63 -24.94 6.73
C LEU A 198 -42.70 -23.55 7.34
N MET A 199 -42.53 -22.52 6.53
CA MET A 199 -42.60 -21.16 7.05
C MET A 199 -43.25 -20.18 6.06
N HIS A 200 -44.01 -20.69 5.09
CA HIS A 200 -44.19 -20.00 3.79
C HIS A 200 -45.06 -18.73 3.84
N LYS A 201 -46.38 -18.86 3.87
CA LYS A 201 -47.26 -17.72 4.03
C LYS A 201 -47.09 -17.23 5.45
N SER A 202 -46.80 -18.19 6.34
CA SER A 202 -46.52 -17.94 7.74
C SER A 202 -45.63 -16.72 7.97
N LEU A 203 -44.40 -16.77 7.50
CA LEU A 203 -43.53 -15.64 7.68
C LEU A 203 -43.70 -14.66 6.52
N ALA A 204 -43.26 -15.07 5.34
CA ALA A 204 -43.22 -14.20 4.15
C ALA A 204 -44.52 -13.44 3.91
N ASN A 205 -45.65 -14.15 3.84
CA ASN A 205 -46.99 -13.53 3.79
C ASN A 205 -47.17 -12.39 2.79
N TYR A 206 -46.66 -11.22 3.17
CA TYR A 206 -46.70 -10.03 2.32
C TYR A 206 -45.29 -9.68 1.81
N GLY A 207 -45.20 -9.55 0.49
CA GLY A 207 -43.98 -9.30 -0.26
C GLY A 207 -44.25 -9.71 -1.70
N SER A 208 -43.55 -9.08 -2.67
CA SER A 208 -43.65 -9.32 -4.16
C SER A 208 -44.73 -8.51 -4.86
N GLU A 209 -44.50 -8.08 -6.10
CA GLU A 209 -45.45 -7.18 -6.78
C GLU A 209 -46.62 -7.87 -7.55
N PRO A 210 -46.34 -9.02 -8.21
CA PRO A 210 -47.25 -9.83 -9.06
C PRO A 210 -47.58 -11.23 -8.49
N ASP A 211 -47.39 -11.41 -7.18
CA ASP A 211 -47.59 -12.72 -6.53
C ASP A 211 -48.87 -12.70 -5.75
N THR A 212 -49.52 -11.53 -5.78
CA THR A 212 -50.81 -11.29 -5.12
C THR A 212 -51.99 -11.86 -5.90
N ARG A 213 -51.71 -12.46 -7.06
CA ARG A 213 -52.70 -13.14 -7.90
C ARG A 213 -52.10 -14.49 -8.36
N PRO A 214 -52.90 -15.36 -9.01
CA PRO A 214 -52.37 -16.69 -9.37
C PRO A 214 -51.24 -16.64 -10.44
N VAL A 215 -50.50 -17.72 -10.68
CA VAL A 215 -49.41 -17.68 -11.69
C VAL A 215 -49.97 -17.67 -13.11
N ASN A 216 -49.31 -16.96 -14.02
CA ASN A 216 -49.76 -16.85 -15.42
C ASN A 216 -49.14 -17.92 -16.31
N LYS A 217 -49.85 -19.02 -16.46
CA LYS A 217 -49.32 -20.20 -17.13
C LYS A 217 -48.69 -19.93 -18.51
N LYS A 218 -49.19 -18.95 -19.28
CA LYS A 218 -48.50 -18.59 -20.54
C LYS A 218 -47.08 -18.09 -20.26
N SER A 219 -46.96 -17.24 -19.23
CA SER A 219 -45.67 -16.64 -18.90
C SER A 219 -44.81 -17.59 -18.11
N LEU A 220 -45.40 -18.54 -17.41
CA LEU A 220 -44.57 -19.51 -16.70
C LEU A 220 -44.01 -20.46 -17.75
N ALA A 221 -44.84 -20.76 -18.75
CA ALA A 221 -44.44 -21.57 -19.89
C ALA A 221 -43.31 -20.89 -20.61
N ILE A 222 -43.50 -19.64 -21.00
CA ILE A 222 -42.47 -18.87 -21.75
C ILE A 222 -41.21 -18.68 -20.90
N VAL A 223 -41.37 -18.55 -19.58
CA VAL A 223 -40.23 -18.37 -18.70
C VAL A 223 -39.40 -19.66 -18.65
N LEU A 224 -40.05 -20.79 -18.43
CA LEU A 224 -39.38 -22.08 -18.38
C LEU A 224 -38.75 -22.44 -19.74
N ALA A 225 -39.45 -22.16 -20.83
CA ALA A 225 -38.90 -22.35 -22.16
C ALA A 225 -37.60 -21.57 -22.32
N LEU A 226 -37.67 -20.24 -22.16
CA LEU A 226 -36.49 -19.37 -22.26
C LEU A 226 -35.40 -19.71 -21.23
N ALA A 227 -35.82 -20.35 -20.15
CA ALA A 227 -34.93 -20.79 -19.09
C ALA A 227 -34.08 -21.94 -19.60
N ALA A 228 -34.76 -22.90 -20.24
CA ALA A 228 -34.09 -24.03 -20.86
C ALA A 228 -33.08 -23.53 -21.90
N LEU A 229 -33.55 -22.59 -22.73
CA LEU A 229 -32.71 -21.96 -23.74
C LEU A 229 -31.48 -21.31 -23.10
N SER A 230 -31.65 -20.71 -21.92
CA SER A 230 -30.52 -20.11 -21.22
C SER A 230 -29.57 -21.15 -20.66
N VAL A 231 -30.07 -22.32 -20.27
CA VAL A 231 -29.15 -23.36 -19.78
C VAL A 231 -28.25 -23.81 -20.92
N VAL A 232 -28.83 -23.97 -22.11
CA VAL A 232 -28.00 -24.31 -23.31
C VAL A 232 -27.04 -23.17 -23.71
N ALA A 233 -27.52 -21.93 -23.66
CA ALA A 233 -26.66 -20.79 -23.89
C ALA A 233 -25.42 -20.80 -22.93
N SER A 234 -25.69 -21.01 -21.65
CA SER A 234 -24.65 -21.16 -20.63
C SER A 234 -23.68 -22.29 -20.96
N ALA A 235 -24.20 -23.52 -21.02
CA ALA A 235 -23.37 -24.70 -21.30
C ALA A 235 -22.45 -24.49 -22.52
N ILE A 236 -22.95 -23.83 -23.56
CA ILE A 236 -22.07 -23.51 -24.68
C ILE A 236 -21.01 -22.44 -24.32
N ILE A 237 -21.40 -21.38 -23.62
CA ILE A 237 -20.43 -20.33 -23.28
C ILE A 237 -19.31 -20.90 -22.41
N LEU A 238 -19.67 -21.78 -21.47
CA LEU A 238 -18.68 -22.44 -20.63
C LEU A 238 -17.78 -23.26 -21.48
N GLU A 239 -18.38 -24.18 -22.25
CA GLU A 239 -17.65 -25.11 -23.12
C GLU A 239 -16.57 -24.46 -24.01
N TYR A 240 -16.93 -23.52 -24.88
CA TYR A 240 -15.93 -22.90 -25.75
C TYR A 240 -15.39 -21.60 -25.18
N GLU A 241 -14.11 -21.60 -24.83
CA GLU A 241 -13.47 -20.43 -24.24
C GLU A 241 -13.58 -19.21 -25.13
N ASP A 242 -13.62 -19.41 -26.43
CA ASP A 242 -13.69 -18.32 -27.38
C ASP A 242 -15.05 -17.65 -27.37
N VAL A 243 -16.10 -18.46 -27.24
CA VAL A 243 -17.46 -17.94 -27.07
C VAL A 243 -17.52 -17.08 -25.79
N ALA A 244 -16.99 -17.60 -24.69
CA ALA A 244 -16.97 -16.84 -23.47
C ALA A 244 -16.19 -15.56 -23.67
N ARG A 245 -15.04 -15.65 -24.30
CA ARG A 245 -14.21 -14.47 -24.46
C ARG A 245 -14.95 -13.41 -25.24
N VAL A 246 -15.54 -13.80 -26.37
CA VAL A 246 -16.26 -12.86 -27.23
C VAL A 246 -17.49 -12.26 -26.54
N PHE A 247 -18.20 -13.09 -25.78
CA PHE A 247 -19.38 -12.69 -25.02
C PHE A 247 -19.02 -11.66 -23.94
N VAL A 248 -17.95 -11.94 -23.20
CA VAL A 248 -17.47 -11.06 -22.15
C VAL A 248 -16.96 -9.77 -22.76
N TYR A 249 -16.31 -9.87 -23.92
CA TYR A 249 -15.80 -8.73 -24.67
C TYR A 249 -16.95 -7.84 -25.16
N ALA A 250 -17.98 -8.48 -25.71
CA ALA A 250 -19.16 -7.76 -26.16
C ALA A 250 -19.84 -7.09 -24.98
N ALA A 251 -20.09 -7.84 -23.91
CA ALA A 251 -20.64 -7.30 -22.68
C ALA A 251 -19.74 -6.17 -22.17
N GLY A 252 -18.47 -6.21 -22.58
CA GLY A 252 -17.52 -5.19 -22.21
C GLY A 252 -17.77 -3.89 -22.95
N VAL A 253 -17.59 -3.91 -24.26
CA VAL A 253 -17.83 -2.71 -25.09
C VAL A 253 -19.29 -2.19 -24.94
N ALA A 254 -20.23 -3.10 -24.64
CA ALA A 254 -21.63 -2.77 -24.39
C ALA A 254 -21.82 -2.08 -23.04
N VAL A 255 -21.30 -2.66 -21.96
CA VAL A 255 -21.48 -2.02 -20.66
C VAL A 255 -20.77 -0.65 -20.66
N LEU A 256 -19.56 -0.57 -21.23
CA LEU A 256 -18.81 0.68 -21.26
C LEU A 256 -19.50 1.70 -22.16
N GLY A 257 -20.19 1.21 -23.19
CA GLY A 257 -20.99 2.08 -24.04
C GLY A 257 -21.93 2.96 -23.24
N ILE A 258 -22.88 2.35 -22.54
CA ILE A 258 -23.85 3.11 -21.74
C ILE A 258 -23.20 3.68 -20.47
N ILE A 275 -22.19 10.24 -12.92
CA ILE A 275 -20.76 10.51 -13.03
C ILE A 275 -20.02 10.06 -11.78
N ALA A 276 -20.64 10.22 -10.62
CA ALA A 276 -19.99 9.84 -9.37
C ALA A 276 -19.78 8.33 -9.21
N ALA A 277 -20.82 7.55 -9.49
CA ALA A 277 -20.77 6.09 -9.33
C ALA A 277 -19.77 5.40 -10.29
N LEU A 278 -19.28 6.15 -11.28
CA LEU A 278 -18.28 5.68 -12.23
C LEU A 278 -17.07 5.03 -11.56
N ILE A 279 -16.23 5.85 -10.93
CA ILE A 279 -14.97 5.37 -10.36
C ILE A 279 -15.27 4.32 -9.29
N LEU A 280 -16.43 4.46 -8.66
CA LEU A 280 -16.88 3.49 -7.68
C LEU A 280 -16.97 2.09 -8.30
N THR A 281 -17.73 1.99 -9.39
CA THR A 281 -17.97 0.72 -10.10
C THR A 281 -16.70 0.17 -10.78
N VAL A 282 -15.84 1.08 -11.22
CA VAL A 282 -14.49 0.73 -11.72
C VAL A 282 -13.62 0.02 -10.65
N GLN A 283 -13.61 0.63 -9.47
CA GLN A 283 -12.88 0.09 -8.33
C GLN A 283 -13.48 -1.23 -7.95
N THR A 284 -14.79 -1.33 -8.10
CA THR A 284 -15.47 -2.59 -7.89
C THR A 284 -14.90 -3.64 -8.83
N VAL A 285 -14.63 -3.27 -10.08
CA VAL A 285 -13.97 -4.22 -11.01
C VAL A 285 -12.65 -4.72 -10.43
N PHE A 286 -11.81 -3.77 -10.02
CA PHE A 286 -10.52 -4.16 -9.44
C PHE A 286 -10.67 -5.11 -8.26
N PHE A 287 -11.52 -4.68 -7.34
CA PHE A 287 -11.71 -5.47 -6.16
C PHE A 287 -12.18 -6.86 -6.51
N PHE A 288 -12.97 -6.98 -7.57
CA PHE A 288 -13.47 -8.30 -7.90
C PHE A 288 -12.44 -9.19 -8.53
N ILE A 289 -11.46 -8.64 -9.25
CA ILE A 289 -10.29 -9.45 -9.67
C ILE A 289 -9.56 -10.05 -8.44
N PHE A 290 -9.37 -9.19 -7.43
CA PHE A 290 -8.70 -9.67 -6.21
C PHE A 290 -9.55 -10.76 -5.57
N TYR A 291 -10.87 -10.61 -5.66
CA TYR A 291 -11.75 -11.58 -5.04
C TYR A 291 -11.70 -12.92 -5.79
N GLN A 292 -11.74 -12.86 -7.12
CA GLN A 292 -11.80 -14.07 -7.93
C GLN A 292 -10.53 -14.87 -7.72
N GLN A 293 -9.47 -14.23 -7.22
CA GLN A 293 -8.26 -15.00 -6.95
C GLN A 293 -8.44 -16.14 -5.93
N MET A 294 -9.37 -16.05 -4.97
CA MET A 294 -9.40 -17.14 -3.98
C MET A 294 -10.05 -18.42 -4.49
N SER A 295 -11.01 -18.31 -5.42
CA SER A 295 -11.68 -19.48 -6.06
C SER A 295 -10.72 -20.27 -6.90
N THR A 296 -9.70 -19.57 -7.39
CA THR A 296 -8.78 -20.05 -8.43
C THR A 296 -7.32 -20.21 -7.97
N SER A 297 -6.55 -19.14 -8.10
CA SER A 297 -5.10 -19.25 -7.93
C SER A 297 -4.71 -19.59 -6.50
N LEU A 298 -5.43 -19.01 -5.55
CA LEU A 298 -5.21 -19.31 -4.14
C LEU A 298 -5.53 -20.76 -3.86
N ALA A 299 -6.57 -21.28 -4.52
CA ALA A 299 -7.01 -22.67 -4.37
C ALA A 299 -5.97 -23.61 -4.89
N LEU A 300 -5.49 -23.37 -6.11
CA LEU A 300 -4.46 -24.24 -6.68
C LEU A 300 -3.16 -24.16 -5.88
N PHE A 301 -2.72 -22.93 -5.50
CA PHE A 301 -1.56 -22.72 -4.63
C PHE A 301 -1.73 -23.50 -3.33
N ALA A 302 -2.92 -23.43 -2.75
CA ALA A 302 -3.20 -24.17 -1.52
C ALA A 302 -3.10 -25.67 -1.72
N LEU A 303 -3.55 -26.15 -2.87
CA LEU A 303 -3.51 -27.57 -3.20
C LEU A 303 -2.09 -28.06 -3.46
N ARG A 304 -1.25 -27.18 -3.99
CA ARG A 304 0.05 -27.62 -4.49
C ARG A 304 1.27 -27.15 -3.73
N ASN A 305 1.20 -26.00 -3.06
CA ASN A 305 2.36 -25.51 -2.32
C ASN A 305 2.07 -25.07 -0.89
N VAL A 306 1.21 -25.80 -0.20
CA VAL A 306 0.89 -25.48 1.19
C VAL A 306 0.81 -26.78 1.95
N ASP A 307 1.47 -26.81 3.11
CA ASP A 307 1.41 -27.94 4.03
C ASP A 307 0.06 -27.96 4.74
N TRP A 308 -0.79 -28.90 4.36
CA TRP A 308 -2.17 -28.98 4.88
C TRP A 308 -2.22 -29.32 6.38
N ASP A 309 -1.05 -29.45 6.99
CA ASP A 309 -0.95 -29.75 8.41
C ASP A 309 -0.98 -28.47 9.24
N PHE A 310 -2.07 -28.28 9.97
CA PHE A 310 -2.22 -27.09 10.77
C PHE A 310 -1.65 -27.31 12.16
N GLN A 311 -0.64 -26.52 12.55
CA GLN A 311 -0.12 -26.63 13.92
C GLN A 311 -0.34 -25.39 14.77
N VAL A 312 -1.07 -25.56 15.87
CA VAL A 312 -1.19 -24.48 16.83
C VAL A 312 0.03 -24.56 17.72
N PHE A 313 1.07 -23.79 17.33
CA PHE A 313 2.40 -23.75 17.97
C PHE A 313 2.41 -24.17 19.45
N GLY A 314 2.86 -25.39 19.74
CA GLY A 314 3.40 -26.30 18.72
C GLY A 314 2.99 -27.76 18.81
N THR A 315 1.68 -28.01 18.79
CA THR A 315 1.12 -29.36 18.64
C THR A 315 0.33 -29.45 17.32
N HIS A 316 -0.48 -30.49 17.14
CA HIS A 316 -0.78 -30.91 15.77
C HIS A 316 -2.19 -30.66 15.16
N LEU A 317 -3.24 -30.59 15.95
CA LEU A 317 -4.61 -30.47 15.39
C LEU A 317 -4.81 -29.34 14.36
N TRP A 318 -5.41 -29.60 13.18
CA TRP A 318 -5.62 -30.93 12.61
C TRP A 318 -4.85 -31.02 11.27
N THR A 319 -5.48 -31.43 10.16
CA THR A 319 -4.82 -31.45 8.84
C THR A 319 -5.79 -31.05 7.73
N TRP A 320 -5.51 -29.92 7.09
CA TRP A 320 -6.46 -29.35 6.14
C TRP A 320 -6.75 -30.29 4.97
N SER A 321 -7.88 -30.04 4.33
CA SER A 321 -8.12 -30.53 2.99
C SER A 321 -8.10 -29.24 2.20
N PRO A 322 -7.17 -29.13 1.24
CA PRO A 322 -6.83 -27.88 0.54
C PRO A 322 -8.02 -26.95 0.31
N ALA A 323 -9.13 -27.51 -0.18
CA ALA A 323 -10.34 -26.73 -0.47
C ALA A 323 -10.88 -26.01 0.78
N GLN A 324 -10.62 -26.62 1.94
CA GLN A 324 -11.16 -26.11 3.18
C GLN A 324 -10.49 -24.81 3.56
N PHE A 325 -9.38 -24.47 2.89
CA PHE A 325 -8.75 -23.19 3.18
C PHE A 325 -9.71 -22.06 2.82
N GLN A 326 -10.60 -22.28 1.85
CA GLN A 326 -11.51 -21.20 1.46
C GLN A 326 -12.48 -20.88 2.60
N ALA A 327 -12.69 -21.84 3.49
CA ALA A 327 -13.58 -21.62 4.62
C ALA A 327 -13.02 -20.53 5.52
N LEU A 328 -11.72 -20.26 5.40
CA LEU A 328 -11.07 -19.18 6.16
C LEU A 328 -11.67 -17.81 5.86
N ASN A 329 -12.35 -17.68 4.72
CA ASN A 329 -12.90 -16.39 4.34
C ASN A 329 -14.17 -16.00 5.12
N PRO A 330 -15.22 -16.86 5.11
CA PRO A 330 -16.38 -16.45 5.91
C PRO A 330 -16.09 -16.46 7.42
N ILE A 331 -15.32 -17.45 7.89
CA ILE A 331 -14.88 -17.54 9.29
C ILE A 331 -14.30 -16.22 9.78
N TRP A 332 -13.30 -15.73 9.06
CA TRP A 332 -12.64 -14.48 9.42
C TRP A 332 -13.61 -13.30 9.32
N ILE A 333 -14.51 -13.31 8.33
CA ILE A 333 -15.51 -12.23 8.21
C ILE A 333 -16.44 -12.27 9.43
N MET A 334 -16.73 -13.48 9.92
CA MET A 334 -17.48 -13.67 11.17
C MET A 334 -16.70 -13.31 12.44
N VAL A 335 -15.38 -13.47 12.41
CA VAL A 335 -14.54 -13.18 13.56
C VAL A 335 -14.26 -11.67 13.71
N LEU A 336 -14.11 -10.98 12.58
CA LEU A 336 -13.76 -9.56 12.57
C LEU A 336 -14.94 -8.63 12.38
N SER A 337 -16.11 -9.21 12.12
CA SER A 337 -17.33 -8.42 12.00
C SER A 337 -17.77 -7.86 13.35
N PRO A 338 -17.71 -8.67 14.43
CA PRO A 338 -18.07 -8.05 15.71
C PRO A 338 -17.04 -7.03 16.17
N VAL A 339 -15.80 -7.16 15.70
CA VAL A 339 -14.73 -6.29 16.18
C VAL A 339 -14.84 -4.95 15.46
N LEU A 340 -15.13 -4.97 14.16
CA LEU A 340 -15.26 -3.75 13.37
C LEU A 340 -16.51 -2.95 13.75
N ALA A 341 -17.48 -3.63 14.35
CA ALA A 341 -18.71 -2.96 14.79
C ALA A 341 -18.37 -1.90 15.81
N TRP A 342 -17.21 -2.05 16.44
CA TRP A 342 -16.76 -1.16 17.51
C TRP A 342 -15.99 0.02 16.92
N ILE A 356 -16.13 9.18 2.92
CA ILE A 356 -15.54 7.96 3.45
C ILE A 356 -15.70 6.84 2.44
N ALA A 357 -15.16 7.03 1.24
CA ALA A 357 -14.77 5.91 0.38
C ALA A 357 -13.27 5.71 0.61
N ALA A 358 -12.79 6.27 1.72
CA ALA A 358 -11.46 6.00 2.24
C ALA A 358 -11.45 4.59 2.81
N LYS A 359 -12.62 4.06 3.11
CA LYS A 359 -12.75 2.66 3.49
C LYS A 359 -12.42 1.78 2.27
N PHE A 360 -12.67 2.30 1.06
CA PHE A 360 -12.23 1.63 -0.17
C PHE A 360 -10.70 1.56 -0.19
N ALA A 361 -10.07 2.69 0.11
CA ALA A 361 -8.60 2.76 0.19
C ALA A 361 -8.03 1.76 1.18
N LEU A 362 -8.45 1.86 2.45
CA LEU A 362 -8.04 0.91 3.48
C LEU A 362 -8.31 -0.55 3.05
N GLY A 363 -9.45 -0.79 2.40
CA GLY A 363 -9.79 -2.10 1.90
C GLY A 363 -8.68 -2.61 0.99
N PHE A 364 -8.36 -1.82 -0.03
CA PHE A 364 -7.27 -2.15 -0.96
C PHE A 364 -5.90 -2.35 -0.27
N ALA A 365 -5.57 -1.52 0.71
CA ALA A 365 -4.31 -1.65 1.41
C ALA A 365 -4.23 -3.00 2.11
N VAL A 366 -5.32 -3.35 2.79
CA VAL A 366 -5.34 -4.59 3.59
C VAL A 366 -5.37 -5.84 2.69
N VAL A 367 -6.06 -5.76 1.56
CA VAL A 367 -5.99 -6.79 0.53
C VAL A 367 -4.54 -6.95 0.04
N ALA A 368 -3.87 -5.81 -0.18
CA ALA A 368 -2.45 -5.81 -0.57
C ALA A 368 -1.57 -6.58 0.42
N ILE A 369 -1.54 -6.21 1.70
CA ILE A 369 -0.64 -6.96 2.59
C ILE A 369 -1.10 -8.41 2.73
N GLY A 370 -2.38 -8.68 2.41
CA GLY A 370 -2.84 -10.07 2.39
C GLY A 370 -2.05 -10.83 1.36
N PHE A 371 -2.01 -10.24 0.16
CA PHE A 371 -1.28 -10.84 -0.96
C PHE A 371 0.24 -10.87 -0.77
N PHE A 372 0.79 -9.94 0.03
CA PHE A 372 2.21 -9.93 0.35
C PHE A 372 2.55 -11.02 1.36
N ILE A 373 1.59 -11.35 2.24
CA ILE A 373 1.76 -12.50 3.11
C ILE A 373 1.82 -13.77 2.23
N TYR A 374 0.92 -13.89 1.26
CA TYR A 374 1.06 -15.02 0.31
C TYR A 374 2.35 -14.97 -0.51
N GLY A 375 2.86 -13.76 -0.74
CA GLY A 375 4.10 -13.59 -1.49
C GLY A 375 5.31 -13.96 -0.65
N PHE A 376 5.22 -13.67 0.64
CA PHE A 376 6.29 -13.97 1.59
C PHE A 376 6.13 -15.41 2.06
N ALA A 377 5.25 -16.14 1.38
CA ALA A 377 5.00 -17.55 1.60
C ALA A 377 6.14 -18.43 1.15
N GLY A 378 7.05 -17.86 0.36
CA GLY A 378 8.28 -18.54 -0.03
C GLY A 378 9.43 -18.29 0.95
N GLN A 379 9.68 -17.00 1.19
CA GLN A 379 10.82 -16.52 1.96
C GLN A 379 10.82 -17.00 3.41
N PHE A 380 9.72 -17.58 3.86
CA PHE A 380 9.70 -18.29 5.13
C PHE A 380 8.65 -19.39 5.08
N ALA A 381 8.72 -20.31 6.04
CA ALA A 381 7.81 -21.45 6.10
C ALA A 381 7.73 -22.16 4.74
N VAL A 382 8.82 -22.82 4.34
CA VAL A 382 8.93 -23.48 3.04
C VAL A 382 9.82 -24.74 3.03
N ASN A 383 9.31 -25.84 2.47
CA ASN A 383 10.07 -27.07 2.22
C ASN A 383 9.70 -27.66 0.84
N GLY A 384 9.77 -26.85 -0.20
CA GLY A 384 8.97 -27.11 -1.37
C GLY A 384 7.55 -26.59 -1.10
N LYS A 385 6.67 -27.51 -0.74
CA LYS A 385 5.33 -27.12 -0.36
C LYS A 385 5.20 -26.96 1.14
N THR A 386 5.22 -25.71 1.61
CA THR A 386 4.99 -25.49 3.04
C THR A 386 4.49 -24.07 3.31
N SER A 387 3.69 -23.94 4.37
CA SER A 387 3.30 -22.65 4.89
C SER A 387 2.32 -22.78 6.08
N SER A 388 1.05 -23.03 5.69
CA SER A 388 -0.16 -23.20 6.52
C SER A 388 -0.64 -21.91 7.16
N TRP A 389 0.16 -21.33 8.03
CA TRP A 389 -0.25 -20.11 8.71
C TRP A 389 -0.24 -18.99 7.70
N VAL A 390 0.44 -19.21 6.58
CA VAL A 390 0.47 -18.23 5.52
C VAL A 390 -0.93 -18.02 5.00
N MET A 391 -1.69 -19.11 4.93
CA MET A 391 -3.08 -19.08 4.46
C MET A 391 -3.99 -18.41 5.50
N ILE A 392 -3.71 -18.62 6.78
CA ILE A 392 -4.57 -18.05 7.79
C ILE A 392 -4.39 -16.54 7.87
N TRP A 393 -3.15 -16.06 7.91
CA TRP A 393 -2.95 -14.61 8.01
C TRP A 393 -3.26 -13.94 6.69
N GLY A 394 -2.94 -14.65 5.60
CA GLY A 394 -3.25 -14.18 4.29
C GLY A 394 -4.74 -13.93 4.21
N TYR A 395 -5.53 -14.96 4.51
CA TYR A 395 -6.99 -14.84 4.44
C TYR A 395 -7.57 -13.86 5.48
N ALA A 396 -6.91 -13.75 6.64
CA ALA A 396 -7.33 -12.79 7.67
C ALA A 396 -7.32 -11.39 7.08
N SER A 397 -6.17 -11.04 6.51
CA SER A 397 -5.99 -9.72 5.91
C SER A 397 -6.96 -9.51 4.75
N TYR A 398 -6.93 -10.44 3.81
CA TYR A 398 -7.74 -10.31 2.61
C TYR A 398 -9.24 -10.07 2.95
N SER A 399 -9.79 -10.93 3.81
CA SER A 399 -11.21 -10.81 4.18
C SER A 399 -11.50 -9.59 5.09
N LEU A 400 -10.54 -9.09 5.86
CA LEU A 400 -10.74 -7.76 6.47
C LEU A 400 -11.01 -6.70 5.39
N GLY A 401 -10.19 -6.72 4.33
CA GLY A 401 -10.42 -5.83 3.21
C GLY A 401 -11.80 -6.03 2.57
N GLU A 402 -12.23 -7.29 2.53
CA GLU A 402 -13.56 -7.59 2.01
C GLU A 402 -14.64 -6.97 2.88
N LEU A 403 -14.60 -7.21 4.20
CA LEU A 403 -15.59 -6.63 5.11
C LEU A 403 -15.63 -5.14 4.98
N LEU A 404 -14.49 -4.55 4.70
CA LEU A 404 -14.43 -3.11 4.60
C LEU A 404 -15.04 -2.63 3.27
N VAL A 405 -15.07 -3.48 2.27
CA VAL A 405 -15.64 -3.04 0.99
C VAL A 405 -16.94 -3.82 0.69
N SER A 406 -17.36 -4.69 1.61
CA SER A 406 -18.50 -5.58 1.38
C SER A 406 -19.81 -4.84 1.56
N GLY A 407 -19.70 -3.58 1.95
CA GLY A 407 -20.87 -2.78 2.17
C GLY A 407 -20.90 -1.67 1.16
N LEU A 408 -19.74 -1.05 0.94
CA LEU A 408 -19.66 0.18 0.17
C LEU A 408 -19.87 -0.03 -1.33
N GLY A 409 -20.88 -0.81 -1.68
CA GLY A 409 -21.18 -1.07 -3.08
C GLY A 409 -22.62 -0.86 -3.47
N LEU A 410 -23.48 -1.80 -3.08
CA LEU A 410 -24.90 -1.74 -3.39
C LEU A 410 -25.60 -0.59 -2.64
N ALA A 411 -25.35 -0.49 -1.34
CA ALA A 411 -25.92 0.57 -0.51
C ALA A 411 -25.57 1.96 -1.06
N MET A 412 -24.27 2.20 -1.27
CA MET A 412 -23.78 3.49 -1.77
C MET A 412 -24.26 3.86 -3.18
N ILE A 413 -24.23 2.93 -4.11
CA ILE A 413 -24.74 3.24 -5.45
C ILE A 413 -26.27 3.42 -5.43
N ALA A 414 -26.99 2.57 -4.70
CA ALA A 414 -28.46 2.67 -4.61
C ALA A 414 -28.93 3.86 -3.75
N ARG A 415 -27.99 4.57 -3.14
CA ARG A 415 -28.30 5.78 -2.37
C ARG A 415 -27.78 6.99 -3.15
N TYR A 416 -27.24 6.71 -4.33
CA TYR A 416 -26.84 7.73 -5.30
C TYR A 416 -27.30 7.26 -6.68
N MET A 425 -29.02 0.87 -14.22
CA MET A 425 -27.83 1.05 -13.40
C MET A 425 -27.39 -0.28 -12.80
N MET A 426 -28.33 -0.96 -12.14
CA MET A 426 -28.11 -2.26 -11.53
C MET A 426 -27.52 -3.22 -12.55
N GLY A 427 -28.05 -3.18 -13.77
CA GLY A 427 -27.53 -3.98 -14.86
C GLY A 427 -26.05 -3.71 -15.12
N ALA A 428 -25.71 -2.45 -15.41
CA ALA A 428 -24.34 -2.04 -15.68
C ALA A 428 -23.37 -2.51 -14.60
N TYR A 429 -23.84 -2.43 -13.35
CA TYR A 429 -23.07 -2.87 -12.19
C TYR A 429 -22.87 -4.38 -12.28
N PHE A 430 -23.94 -5.12 -12.58
CA PHE A 430 -23.89 -6.59 -12.67
C PHE A 430 -23.00 -7.11 -13.85
N VAL A 431 -23.00 -6.38 -14.96
CA VAL A 431 -22.17 -6.68 -16.12
C VAL A 431 -20.70 -6.36 -15.82
N ALA A 432 -20.43 -5.20 -15.22
CA ALA A 432 -19.04 -4.86 -14.85
C ALA A 432 -18.53 -5.87 -13.80
N SER A 433 -19.40 -6.32 -12.90
CA SER A 433 -18.99 -7.27 -11.88
C SER A 433 -18.70 -8.65 -12.46
N GLY A 434 -19.59 -9.15 -13.32
CA GLY A 434 -19.36 -10.46 -13.93
C GLY A 434 -18.10 -10.40 -14.77
N ILE A 435 -17.96 -9.27 -15.48
CA ILE A 435 -16.83 -9.09 -16.35
C ILE A 435 -15.56 -9.16 -15.55
N SER A 436 -15.46 -8.44 -14.45
CA SER A 436 -14.23 -8.53 -13.66
C SER A 436 -14.04 -9.89 -12.93
N GLN A 437 -15.10 -10.67 -12.74
CA GLN A 437 -14.92 -12.08 -12.36
C GLN A 437 -14.13 -12.86 -13.42
N TYR A 438 -14.58 -12.79 -14.67
CA TYR A 438 -13.82 -13.40 -15.76
C TYR A 438 -12.37 -12.89 -15.80
N LEU A 439 -12.22 -11.56 -15.85
CA LEU A 439 -10.90 -10.94 -15.80
C LEU A 439 -10.06 -11.50 -14.64
N GLY A 440 -10.68 -11.70 -13.49
CA GLY A 440 -10.08 -12.34 -12.31
C GLY A 440 -9.58 -13.73 -12.65
N GLY A 441 -10.30 -14.41 -13.54
CA GLY A 441 -9.86 -15.69 -14.08
C GLY A 441 -8.61 -15.60 -14.95
N VAL A 442 -8.60 -14.64 -15.88
CA VAL A 442 -7.44 -14.53 -16.76
C VAL A 442 -6.23 -14.00 -15.99
N VAL A 443 -6.47 -13.33 -14.86
CA VAL A 443 -5.39 -12.90 -13.98
C VAL A 443 -4.85 -14.09 -13.15
N ALA A 444 -5.73 -14.94 -12.65
CA ALA A 444 -5.28 -16.11 -11.92
C ALA A 444 -4.54 -17.05 -12.88
N ASN A 445 -4.74 -16.81 -14.17
CA ASN A 445 -4.05 -17.62 -15.16
C ASN A 445 -2.57 -17.29 -15.22
N PHE A 446 -2.18 -16.11 -14.75
CA PHE A 446 -0.76 -15.67 -14.73
C PHE A 446 0.09 -16.54 -13.82
N ALA A 447 -0.55 -17.37 -12.99
CA ALA A 447 0.19 -18.32 -12.16
C ALA A 447 -0.17 -19.77 -12.56
N SER A 448 -0.36 -19.98 -13.86
CA SER A 448 -0.78 -21.30 -14.29
C SER A 448 0.41 -22.23 -14.48
N VAL A 449 0.38 -23.33 -13.73
CA VAL A 449 1.41 -24.36 -13.70
C VAL A 449 1.07 -25.47 -14.67
N PRO A 450 1.97 -25.72 -15.67
CA PRO A 450 1.79 -26.81 -16.66
C PRO A 450 1.47 -28.12 -15.98
N GLN A 451 0.68 -28.98 -16.60
CA GLN A 451 0.26 -30.24 -15.96
C GLN A 451 1.42 -31.20 -15.66
N ASP A 452 2.49 -31.16 -16.45
CA ASP A 452 3.63 -32.04 -16.25
C ASP A 452 4.68 -31.43 -15.30
N LEU A 453 4.31 -30.35 -14.62
CA LEU A 453 5.19 -29.74 -13.64
C LEU A 453 4.59 -29.92 -12.25
N VAL A 454 5.17 -30.83 -11.48
CA VAL A 454 4.66 -31.21 -10.16
C VAL A 454 5.73 -31.07 -9.05
N ASP A 455 6.92 -30.60 -9.37
CA ASP A 455 7.94 -30.41 -8.35
C ASP A 455 7.64 -29.12 -7.59
N PRO A 456 6.98 -29.22 -6.40
CA PRO A 456 6.38 -28.05 -5.72
C PRO A 456 7.40 -26.95 -5.46
N LEU A 457 8.66 -27.37 -5.47
CA LEU A 457 9.82 -26.50 -5.34
C LEU A 457 9.93 -25.50 -6.50
N GLN A 458 9.26 -25.83 -7.62
CA GLN A 458 9.27 -25.00 -8.81
C GLN A 458 7.96 -24.26 -9.03
N THR A 459 6.89 -24.86 -8.52
CA THR A 459 5.59 -24.24 -8.62
C THR A 459 5.48 -23.10 -7.58
N LEU A 460 6.19 -23.24 -6.46
CA LEU A 460 6.11 -22.20 -5.44
C LEU A 460 6.42 -20.77 -5.97
N PRO A 461 7.48 -20.58 -6.79
CA PRO A 461 7.76 -19.23 -7.29
C PRO A 461 6.65 -18.69 -8.19
N VAL A 462 6.10 -19.53 -9.08
CA VAL A 462 5.14 -19.01 -10.04
C VAL A 462 3.89 -18.47 -9.33
N TYR A 463 3.55 -19.06 -8.19
CA TYR A 463 2.43 -18.57 -7.43
C TYR A 463 2.79 -17.30 -6.75
N THR A 464 3.92 -17.29 -6.05
CA THR A 464 4.24 -16.12 -5.23
C THR A 464 4.76 -14.95 -6.08
N ASN A 465 4.91 -15.15 -7.38
CA ASN A 465 5.18 -14.02 -8.26
C ASN A 465 3.88 -13.34 -8.53
N LEU A 466 2.87 -14.13 -8.85
CA LEU A 466 1.54 -13.59 -9.09
C LEU A 466 1.08 -12.86 -7.86
N PHE A 467 1.22 -13.50 -6.71
CA PHE A 467 0.70 -12.94 -5.46
C PHE A 467 1.40 -11.66 -5.07
N ASN A 468 2.70 -11.61 -5.33
CA ASN A 468 3.40 -10.38 -5.06
C ASN A 468 2.97 -9.28 -6.05
N LYS A 469 2.75 -9.62 -7.31
CA LYS A 469 2.36 -8.62 -8.28
C LYS A 469 0.97 -8.09 -7.97
N LEU A 470 0.09 -8.93 -7.43
CA LEU A 470 -1.25 -8.50 -7.04
C LEU A 470 -1.15 -7.56 -5.86
N GLY A 471 -0.24 -7.87 -4.93
CA GLY A 471 -0.02 -7.00 -3.79
C GLY A 471 0.33 -5.59 -4.20
N VAL A 472 1.17 -5.45 -5.23
CA VAL A 472 1.51 -4.14 -5.77
C VAL A 472 0.34 -3.54 -6.54
N ALA A 473 -0.30 -4.36 -7.37
CA ALA A 473 -1.53 -3.99 -8.06
C ALA A 473 -2.57 -3.45 -7.07
N ALA A 474 -2.73 -4.11 -5.93
CA ALA A 474 -3.63 -3.61 -4.88
C ALA A 474 -3.22 -2.23 -4.32
N VAL A 475 -1.92 -1.97 -4.17
CA VAL A 475 -1.46 -0.69 -3.66
C VAL A 475 -1.71 0.39 -4.73
N VAL A 476 -1.63 0.04 -6.02
CA VAL A 476 -1.94 1.04 -7.04
C VAL A 476 -3.43 1.44 -6.93
N CYS A 477 -4.30 0.46 -6.72
CA CYS A 477 -5.72 0.73 -6.42
C CYS A 477 -5.89 1.58 -5.14
N THR A 478 -5.07 1.35 -4.11
CA THR A 478 -5.16 2.16 -2.90
C THR A 478 -4.84 3.61 -3.25
N ILE A 479 -3.94 3.81 -4.22
CA ILE A 479 -3.60 5.18 -4.62
C ILE A 479 -4.75 5.80 -5.45
N ILE A 480 -5.37 4.99 -6.34
CA ILE A 480 -6.57 5.41 -7.09
C ILE A 480 -7.70 5.80 -6.14
N ALA A 481 -7.89 4.99 -5.10
CA ALA A 481 -8.93 5.21 -4.10
C ALA A 481 -8.76 6.56 -3.42
N LEU A 482 -7.60 6.80 -2.81
CA LEU A 482 -7.35 8.04 -2.08
C LEU A 482 -7.22 9.27 -2.98
N ALA A 483 -6.78 9.08 -4.22
CA ALA A 483 -6.59 10.23 -5.10
C ALA A 483 -7.94 10.81 -5.50
N VAL A 484 -8.89 9.92 -5.74
CA VAL A 484 -10.21 10.28 -6.27
C VAL A 484 -11.11 10.78 -5.15
N LEU A 485 -10.54 10.85 -3.95
CA LEU A 485 -11.30 11.19 -2.76
C LEU A 485 -11.74 12.67 -2.70
N PRO A 486 -10.89 13.63 -3.14
CA PRO A 486 -11.42 15.00 -3.22
C PRO A 486 -12.49 15.21 -4.31
N LEU A 487 -12.55 14.35 -5.33
CA LEU A 487 -13.65 14.40 -6.31
C LEU A 487 -14.98 14.08 -5.67
N MET A 488 -14.92 13.53 -4.46
CA MET A 488 -16.11 13.21 -3.69
C MET A 488 -16.54 14.47 -2.92
N ARG A 489 -15.57 15.33 -2.61
CA ARG A 489 -15.83 16.59 -1.93
C ARG A 489 -16.34 17.69 -2.88
N ARG A 490 -15.95 17.64 -4.15
CA ARG A 490 -16.37 18.66 -5.11
C ARG A 490 -17.87 18.55 -5.36
N LEU A 491 -18.39 17.32 -5.38
CA LEU A 491 -19.81 17.14 -5.63
C LEU A 491 -20.66 17.61 -4.45
N THR A 492 -20.25 17.27 -3.23
CA THR A 492 -20.99 17.63 -2.02
C THR A 492 -20.93 19.13 -1.73
N VAL B 8 11.93 48.72 4.82
CA VAL B 8 12.05 48.87 3.38
C VAL B 8 10.93 48.11 2.63
N SER B 9 10.91 46.78 2.71
CA SER B 9 9.85 45.97 2.08
C SER B 9 9.73 44.59 2.73
N LYS B 10 8.66 43.85 2.44
CA LYS B 10 8.51 42.50 3.00
C LYS B 10 9.01 41.38 2.08
N THR B 11 8.70 41.47 0.79
CA THR B 11 9.17 40.49 -0.16
C THR B 11 10.68 40.61 -0.35
N HIS B 12 11.23 41.81 -0.21
CA HIS B 12 12.69 41.97 -0.23
C HIS B 12 13.35 41.19 0.89
N SER B 13 12.81 41.38 2.08
CA SER B 13 13.30 40.67 3.24
C SER B 13 13.21 39.17 2.99
N PHE B 14 12.02 38.69 2.61
CA PHE B 14 11.82 37.27 2.34
C PHE B 14 12.76 36.76 1.25
N MET B 15 13.13 37.66 0.33
CA MET B 15 14.06 37.35 -0.72
C MET B 15 15.46 37.16 -0.18
N THR B 16 15.95 38.11 0.62
CA THR B 16 17.30 38.01 1.16
C THR B 16 17.43 36.72 1.99
N VAL B 17 16.40 36.42 2.79
CA VAL B 17 16.50 35.25 3.67
C VAL B 17 16.32 33.94 2.85
N SER B 18 15.49 33.96 1.80
CA SER B 18 15.33 32.76 0.97
C SER B 18 16.56 32.51 0.11
N LEU B 19 17.27 33.57 -0.30
CA LEU B 19 18.49 33.40 -1.07
C LEU B 19 19.56 32.79 -0.20
N ILE B 20 19.75 33.36 0.99
CA ILE B 20 20.78 32.81 1.86
C ILE B 20 20.45 31.36 2.25
N GLU B 21 19.17 31.05 2.46
CA GLU B 21 18.77 29.64 2.66
C GLU B 21 19.19 28.75 1.47
N LEU B 22 18.83 29.19 0.27
CA LEU B 22 19.21 28.53 -0.99
C LEU B 22 20.73 28.22 -1.06
N TRP B 23 21.59 29.18 -0.72
CA TRP B 23 23.02 28.94 -0.80
C TRP B 23 23.55 28.04 0.34
N GLU B 24 22.95 28.18 1.50
CA GLU B 24 23.27 27.28 2.62
C GLU B 24 22.98 25.83 2.22
N ARG B 25 21.76 25.57 1.75
CA ARG B 25 21.32 24.25 1.34
C ARG B 25 22.14 23.73 0.18
N PHE B 26 22.59 24.67 -0.66
CA PHE B 26 23.55 24.35 -1.71
C PHE B 26 24.77 23.67 -1.05
N GLY B 27 25.43 24.37 -0.12
CA GLY B 27 26.55 23.78 0.61
C GLY B 27 26.22 22.43 1.27
N TYR B 28 25.09 22.36 1.95
CA TYR B 28 24.72 21.19 2.74
C TYR B 28 24.52 19.95 1.92
N TYR B 29 23.70 20.05 0.87
CA TYR B 29 23.36 18.87 0.08
C TYR B 29 24.45 18.56 -0.91
N GLY B 30 25.20 19.60 -1.28
CA GLY B 30 26.44 19.42 -2.00
C GLY B 30 27.37 18.52 -1.20
N MET B 31 27.41 18.68 0.12
CA MET B 31 28.21 17.80 0.98
C MET B 31 27.53 16.45 1.27
N GLN B 32 26.22 16.44 1.53
CA GLN B 32 25.48 15.20 1.82
C GLN B 32 25.50 14.18 0.66
N ALA B 33 25.35 14.66 -0.57
CA ALA B 33 25.44 13.76 -1.73
C ALA B 33 26.83 13.09 -1.83
N LEU B 34 27.83 13.61 -1.11
CA LEU B 34 29.16 13.03 -1.19
C LEU B 34 29.71 12.37 0.08
N ILE B 35 29.17 12.68 1.25
CA ILE B 35 29.84 12.29 2.51
C ILE B 35 29.99 10.76 2.72
N VAL B 36 28.96 9.99 2.40
CA VAL B 36 28.97 8.52 2.55
C VAL B 36 29.87 7.85 1.50
N TYR B 37 29.84 8.37 0.28
CA TYR B 37 30.80 7.93 -0.74
C TYR B 37 32.22 8.25 -0.28
N PHE B 38 32.39 9.37 0.40
CA PHE B 38 33.71 9.74 0.84
C PHE B 38 34.17 8.74 1.87
N MET B 39 33.31 8.46 2.85
CA MET B 39 33.69 7.58 3.94
C MET B 39 33.94 6.18 3.42
N VAL B 40 33.21 5.75 2.40
CA VAL B 40 33.35 4.36 1.88
C VAL B 40 34.51 4.21 0.85
N GLN B 41 34.62 5.16 -0.08
CA GLN B 41 35.54 5.09 -1.21
C GLN B 41 36.90 5.71 -0.94
N ARG B 42 36.93 6.91 -0.37
CA ARG B 42 38.20 7.60 -0.16
C ARG B 42 38.81 7.22 1.19
N LEU B 43 38.06 7.49 2.26
CA LEU B 43 38.34 6.91 3.56
C LEU B 43 38.07 5.42 3.38
N GLY B 44 38.41 4.57 4.34
CA GLY B 44 38.29 3.15 4.04
C GLY B 44 37.10 2.36 4.58
N PHE B 45 36.10 3.08 5.10
CA PHE B 45 35.01 2.48 5.90
C PHE B 45 34.24 1.33 5.26
N ASP B 46 33.69 0.46 6.09
CA ASP B 46 32.67 -0.47 5.62
C ASP B 46 31.34 0.28 5.66
N ASP B 47 30.39 -0.11 4.81
CA ASP B 47 29.18 0.71 4.64
C ASP B 47 28.21 0.60 5.82
N SER B 48 28.39 -0.43 6.65
CA SER B 48 27.60 -0.53 7.88
C SER B 48 28.02 0.64 8.83
N ARG B 49 29.32 0.84 8.98
CA ARG B 49 29.83 1.98 9.74
C ARG B 49 29.54 3.30 9.03
N ALA B 50 29.78 3.38 7.72
CA ALA B 50 29.48 4.61 6.97
C ALA B 50 28.04 5.07 7.17
N ASN B 51 27.10 4.14 7.00
CA ASN B 51 25.70 4.42 7.28
C ASN B 51 25.56 4.93 8.70
N LEU B 52 26.08 4.18 9.67
CA LEU B 52 25.85 4.57 11.07
C LEU B 52 26.43 5.95 11.42
N VAL B 53 27.59 6.26 10.87
CA VAL B 53 28.22 7.55 11.11
C VAL B 53 27.38 8.62 10.48
N TRP B 54 27.05 8.46 9.21
CA TRP B 54 26.30 9.51 8.53
C TRP B 54 24.92 9.71 9.17
N SER B 55 24.34 8.65 9.73
CA SER B 55 23.03 8.76 10.33
C SER B 55 23.10 9.40 11.71
N ALA B 56 24.21 9.18 12.41
CA ALA B 56 24.43 9.87 13.68
C ALA B 56 24.66 11.34 13.41
N CYS B 57 25.50 11.64 12.42
CA CYS B 57 25.77 13.03 12.03
C CYS B 57 24.47 13.72 11.59
N ALA B 58 23.63 12.97 10.88
CA ALA B 58 22.31 13.45 10.46
C ALA B 58 21.39 13.71 11.66
N ALA B 59 21.35 12.76 12.58
CA ALA B 59 20.57 12.87 13.80
C ALA B 59 20.96 14.10 14.60
N LEU B 60 22.27 14.35 14.70
CA LEU B 60 22.78 15.49 15.44
C LEU B 60 22.38 16.71 14.69
N ILE B 61 22.78 16.79 13.43
CA ILE B 61 22.46 17.96 12.62
C ILE B 61 20.98 18.32 12.77
N TYR B 62 20.14 17.31 12.90
CA TYR B 62 18.71 17.55 12.89
C TYR B 62 18.12 17.73 14.29
N VAL B 63 18.84 17.35 15.34
CA VAL B 63 18.33 17.53 16.70
C VAL B 63 19.00 18.75 17.33
N SER B 64 20.01 19.23 16.60
CA SER B 64 20.87 20.37 16.90
C SER B 64 20.11 21.71 17.00
N PRO B 65 19.19 22.00 16.04
CA PRO B 65 18.50 23.30 16.06
C PRO B 65 17.49 23.42 17.18
N ALA B 66 17.24 22.33 17.90
CA ALA B 66 16.38 22.40 19.06
C ALA B 66 16.94 23.43 20.05
N ILE B 67 18.23 23.30 20.33
CA ILE B 67 19.00 24.19 21.20
C ILE B 67 19.26 25.57 20.57
N GLY B 68 19.64 25.57 19.28
CA GLY B 68 20.03 26.78 18.57
C GLY B 68 18.92 27.82 18.40
N GLY B 69 17.66 27.36 18.37
CA GLY B 69 16.54 28.26 18.27
C GLY B 69 16.31 29.08 19.54
N TRP B 70 16.54 28.44 20.68
CA TRP B 70 16.43 29.08 21.99
C TRP B 70 17.58 30.05 22.21
N VAL B 71 18.72 29.74 21.61
CA VAL B 71 19.92 30.56 21.69
C VAL B 71 19.67 31.87 20.95
N GLY B 72 18.94 31.79 19.84
CA GLY B 72 18.64 32.94 19.00
C GLY B 72 17.53 33.86 19.48
N ASP B 73 16.58 33.31 20.24
CA ASP B 73 15.44 34.09 20.76
C ASP B 73 15.78 34.80 22.05
N LYS B 74 16.41 34.06 22.96
CA LYS B 74 16.53 34.49 24.33
C LYS B 74 17.95 34.90 24.74
N ILE B 75 18.94 34.71 23.87
CA ILE B 75 20.34 35.00 24.26
C ILE B 75 21.12 35.93 23.30
N LEU B 76 21.33 35.50 22.06
CA LEU B 76 21.95 36.35 21.05
C LEU B 76 20.81 36.82 20.13
N GLY B 77 21.06 37.68 19.16
CA GLY B 77 20.00 38.09 18.24
C GLY B 77 19.65 36.94 17.29
N THR B 78 18.42 36.92 16.75
CA THR B 78 18.08 35.90 15.74
C THR B 78 18.93 36.06 14.47
N LYS B 79 19.09 37.30 14.00
CA LYS B 79 20.03 37.60 12.92
C LYS B 79 21.48 37.30 13.33
N ARG B 80 21.88 37.71 14.54
CA ARG B 80 23.22 37.43 15.06
C ARG B 80 23.47 35.91 15.05
N THR B 81 22.53 35.14 15.59
CA THR B 81 22.72 33.70 15.70
C THR B 81 22.69 33.03 14.33
N MET B 82 21.83 33.49 13.43
CA MET B 82 21.81 32.98 12.06
C MET B 82 23.20 33.20 11.43
N LEU B 83 23.73 34.42 11.58
CA LEU B 83 25.05 34.71 11.00
C LEU B 83 26.16 33.85 11.61
N LEU B 84 26.27 33.83 12.94
CA LEU B 84 27.28 33.02 13.64
C LEU B 84 27.21 31.55 13.19
N GLY B 85 25.99 31.05 12.97
CA GLY B 85 25.76 29.76 12.36
C GLY B 85 26.37 29.60 10.97
N ALA B 86 26.16 30.59 10.11
CA ALA B 86 26.73 30.57 8.75
C ALA B 86 28.28 30.65 8.74
N GLY B 87 28.87 31.47 9.61
CA GLY B 87 30.31 31.51 9.73
C GLY B 87 30.88 30.16 10.19
N ILE B 88 30.35 29.65 11.31
CA ILE B 88 30.81 28.39 11.88
C ILE B 88 30.67 27.25 10.87
N LEU B 89 29.57 27.27 10.13
CA LEU B 89 29.31 26.38 9.00
C LEU B 89 30.43 26.43 7.94
N SER B 90 30.73 27.66 7.51
CA SER B 90 31.78 27.91 6.55
C SER B 90 33.11 27.32 7.04
N VAL B 91 33.43 27.52 8.32
CA VAL B 91 34.60 26.92 8.97
C VAL B 91 34.54 25.38 8.92
N GLY B 92 33.32 24.84 9.01
CA GLY B 92 33.09 23.41 8.89
C GLY B 92 33.55 22.86 7.56
N TYR B 93 32.98 23.39 6.48
CA TYR B 93 33.34 22.91 5.14
C TYR B 93 34.79 23.21 4.83
N ALA B 94 35.27 24.35 5.31
CA ALA B 94 36.67 24.70 5.15
C ALA B 94 37.54 23.60 5.75
N LEU B 95 37.21 23.14 6.96
CA LEU B 95 37.93 22.01 7.57
C LEU B 95 37.82 20.72 6.74
N MET B 96 36.61 20.52 6.20
CA MET B 96 36.32 19.42 5.30
C MET B 96 37.17 19.48 4.04
N THR B 97 37.77 20.64 3.75
CA THR B 97 38.57 20.75 2.54
C THR B 97 40.06 20.59 2.78
N VAL B 98 40.52 20.54 4.04
CA VAL B 98 41.95 20.28 4.22
C VAL B 98 42.14 18.80 3.90
N PRO B 99 43.08 18.50 3.00
CA PRO B 99 43.29 17.17 2.42
C PRO B 99 43.90 16.18 3.40
N THR B 100 43.14 15.74 4.38
CA THR B 100 43.68 14.83 5.36
C THR B 100 42.82 13.61 5.42
N GLU B 101 43.44 12.44 5.37
CA GLU B 101 42.69 11.20 5.57
C GLU B 101 42.74 10.80 7.05
N ASN B 102 42.69 11.81 7.91
CA ASN B 102 42.71 11.61 9.36
C ASN B 102 41.30 11.71 9.89
N THR B 103 40.79 10.56 10.27
CA THR B 103 39.41 10.37 10.66
C THR B 103 38.88 11.39 11.71
N TRP B 104 39.70 11.73 12.70
CA TRP B 104 39.32 12.69 13.75
C TRP B 104 39.13 14.10 13.23
N PHE B 105 39.99 14.48 12.31
CA PHE B 105 39.85 15.75 11.61
C PHE B 105 38.50 15.83 10.90
N MET B 106 38.14 14.80 10.15
CA MET B 106 36.87 14.85 9.43
C MET B 106 35.67 14.86 10.38
N PHE B 107 35.73 14.04 11.42
CA PHE B 107 34.69 14.03 12.45
C PHE B 107 34.51 15.37 13.18
N SER B 108 35.62 16.07 13.40
CA SER B 108 35.59 17.43 13.92
C SER B 108 34.99 18.38 12.92
N ALA B 109 35.40 18.25 11.65
CA ALA B 109 34.83 19.05 10.56
C ALA B 109 33.30 18.93 10.54
N LEU B 110 32.81 17.69 10.61
CA LEU B 110 31.37 17.42 10.68
C LEU B 110 30.74 17.95 11.96
N GLY B 111 31.45 17.84 13.07
CA GLY B 111 30.97 18.39 14.33
C GLY B 111 30.76 19.89 14.24
N VAL B 112 31.73 20.61 13.68
CA VAL B 112 31.62 22.03 13.41
C VAL B 112 30.40 22.30 12.52
N ILE B 113 30.19 21.44 11.53
CA ILE B 113 29.02 21.59 10.69
C ILE B 113 27.72 21.39 11.50
N VAL B 114 27.69 20.43 12.42
CA VAL B 114 26.56 20.25 13.33
C VAL B 114 26.25 21.51 14.16
N VAL B 115 27.27 22.01 14.85
CA VAL B 115 27.13 23.22 15.67
C VAL B 115 26.63 24.39 14.82
N GLY B 116 27.38 24.65 13.75
CA GLY B 116 27.02 25.74 12.85
C GLY B 116 25.58 25.64 12.34
N ASN B 117 25.19 24.45 11.92
CA ASN B 117 23.86 24.31 11.38
C ASN B 117 22.78 24.51 12.44
N GLY B 118 23.02 23.95 13.62
CA GLY B 118 22.12 24.15 14.75
C GLY B 118 21.87 25.62 15.03
N LEU B 119 22.88 26.45 14.82
CA LEU B 119 22.71 27.89 15.00
C LEU B 119 22.03 28.57 13.80
N PHE B 120 22.16 28.00 12.61
CA PHE B 120 21.58 28.66 11.44
C PHE B 120 20.11 28.29 11.18
N LYS B 121 19.82 27.01 10.98
CA LYS B 121 18.52 26.60 10.47
C LYS B 121 17.31 27.22 11.17
N PRO B 122 17.23 27.12 12.52
CA PRO B 122 15.99 27.62 13.13
C PRO B 122 15.90 29.14 13.06
N ASN B 123 17.04 29.80 12.99
CA ASN B 123 17.06 31.26 13.06
C ASN B 123 16.78 31.91 11.72
N ALA B 124 17.15 31.26 10.62
CA ALA B 124 16.70 31.73 9.31
C ALA B 124 15.19 31.43 9.08
N GLY B 125 14.72 30.26 9.56
CA GLY B 125 13.34 29.87 9.42
C GLY B 125 12.43 30.83 10.13
N ASN B 126 12.90 31.36 11.25
CA ASN B 126 12.10 32.30 12.04
C ASN B 126 11.94 33.64 11.36
N LEU B 127 12.97 34.15 10.70
CA LEU B 127 12.85 35.41 9.96
C LEU B 127 11.72 35.36 8.91
N VAL B 128 11.64 34.26 8.15
CA VAL B 128 10.51 34.01 7.25
C VAL B 128 9.21 34.16 7.99
N ARG B 129 9.20 33.68 9.23
CA ARG B 129 8.03 33.77 10.10
C ARG B 129 7.88 35.20 10.66
N LYS B 130 9.01 35.88 10.82
CA LYS B 130 9.04 37.27 11.30
C LYS B 130 8.77 38.29 10.18
N ILE B 131 9.13 37.93 8.95
CA ILE B 131 8.95 38.82 7.80
C ILE B 131 7.47 38.92 7.40
N TYR B 132 6.69 37.95 7.86
CA TYR B 132 5.29 37.86 7.52
C TYR B 132 4.44 37.73 8.77
N GLU B 133 4.96 38.24 9.88
CA GLU B 133 4.17 38.63 11.05
C GLU B 133 3.20 37.54 11.51
N SER B 137 -1.03 34.11 7.31
CA SER B 137 -1.08 32.86 6.54
C SER B 137 -0.41 33.05 5.21
N LYS B 138 0.12 34.24 4.97
CA LYS B 138 0.88 34.43 3.77
C LYS B 138 2.25 33.87 4.04
N ILE B 139 2.37 33.25 5.22
CA ILE B 139 3.60 32.60 5.67
C ILE B 139 3.70 31.16 5.15
N ASP B 140 2.61 30.57 4.69
CA ASP B 140 2.72 29.29 4.01
C ASP B 140 3.04 29.56 2.56
N SER B 141 2.39 30.60 2.02
CA SER B 141 2.74 31.16 0.74
C SER B 141 4.25 31.43 0.74
N ALA B 142 4.74 31.89 1.88
CA ALA B 142 6.16 32.17 2.06
C ALA B 142 6.96 30.88 2.20
N PHE B 143 6.47 29.95 3.03
CA PHE B 143 7.25 28.76 3.37
C PHE B 143 7.43 27.83 2.16
N THR B 144 6.42 27.79 1.28
CA THR B 144 6.51 26.96 0.09
C THR B 144 7.52 27.51 -0.91
N ILE B 145 7.48 28.82 -1.17
CA ILE B 145 8.48 29.46 -2.02
C ILE B 145 9.88 29.28 -1.43
N TYR B 146 9.94 29.43 -0.11
CA TYR B 146 11.13 29.14 0.67
C TYR B 146 11.68 27.74 0.31
N TYR B 147 10.84 26.74 0.55
CA TYR B 147 11.12 25.34 0.30
C TYR B 147 11.52 25.07 -1.16
N MET B 148 11.06 25.92 -2.07
CA MET B 148 11.43 25.75 -3.46
C MET B 148 12.84 26.26 -3.64
N ALA B 149 13.16 27.35 -2.94
CA ALA B 149 14.52 27.88 -2.98
C ALA B 149 15.49 26.82 -2.46
N VAL B 150 15.12 26.18 -1.36
CA VAL B 150 15.87 25.02 -0.87
C VAL B 150 16.14 23.98 -1.97
N ASN B 151 15.07 23.59 -2.66
CA ASN B 151 15.22 22.52 -3.63
C ASN B 151 15.99 22.91 -4.88
N VAL B 152 15.90 24.17 -5.33
CA VAL B 152 16.71 24.59 -6.47
C VAL B 152 18.18 24.69 -6.04
N GLY B 153 18.43 25.19 -4.82
CA GLY B 153 19.78 25.21 -4.29
C GLY B 153 20.40 23.81 -4.30
N SER B 154 19.71 22.87 -3.68
CA SER B 154 20.21 21.51 -3.61
C SER B 154 20.24 20.82 -4.99
N THR B 155 19.43 21.29 -5.94
CA THR B 155 19.57 20.78 -7.29
C THR B 155 20.93 21.23 -7.84
N PHE B 156 21.22 22.53 -7.68
CA PHE B 156 22.49 23.07 -8.17
C PHE B 156 23.64 22.26 -7.60
N SER B 157 23.66 22.05 -6.28
CA SER B 157 24.83 21.42 -5.67
C SER B 157 24.92 19.90 -5.83
N MET B 158 23.80 19.21 -5.69
CA MET B 158 23.80 17.75 -5.86
C MET B 158 24.04 17.38 -7.31
N LEU B 159 23.86 18.35 -8.22
CA LEU B 159 24.25 18.09 -9.60
C LEU B 159 25.71 18.44 -9.77
N LEU B 160 26.14 19.55 -9.16
CA LEU B 160 27.47 20.11 -9.40
C LEU B 160 28.67 19.46 -8.67
N THR B 161 28.64 19.43 -7.33
CA THR B 161 29.82 18.98 -6.58
C THR B 161 30.26 17.53 -6.88
N PRO B 162 29.31 16.61 -7.18
CA PRO B 162 29.86 15.30 -7.53
C PRO B 162 30.70 15.36 -8.79
N TRP B 163 30.34 16.26 -9.69
CA TRP B 163 31.12 16.45 -10.92
C TRP B 163 32.49 17.10 -10.67
N ILE B 164 32.55 18.07 -9.77
CA ILE B 164 33.83 18.69 -9.43
C ILE B 164 34.73 17.61 -8.87
N LYS B 165 34.13 16.75 -8.05
CA LYS B 165 34.86 15.65 -7.42
C LYS B 165 35.48 14.78 -8.49
N ASP B 166 34.67 14.45 -9.50
CA ASP B 166 35.08 13.65 -10.65
C ASP B 166 36.13 14.34 -11.51
N TYR B 167 35.86 15.58 -11.86
CA TYR B 167 36.72 16.30 -12.78
C TYR B 167 38.10 16.47 -12.18
N VAL B 168 38.16 16.87 -10.91
CA VAL B 168 39.46 17.08 -10.26
C VAL B 168 40.22 15.76 -10.14
N ASN B 169 39.49 14.70 -9.75
CA ASN B 169 40.07 13.36 -9.58
C ASN B 169 40.75 12.84 -10.84
N ALA B 170 40.42 13.44 -11.98
CA ALA B 170 40.97 13.05 -13.28
C ALA B 170 42.16 13.92 -13.67
N GLN B 171 42.04 15.23 -13.43
CA GLN B 171 43.10 16.18 -13.74
C GLN B 171 44.22 16.16 -12.69
N TYR B 172 43.90 15.68 -11.49
CA TYR B 172 44.84 15.57 -10.37
C TYR B 172 44.57 14.27 -9.62
N GLY B 173 45.42 13.92 -8.65
CA GLY B 173 45.33 12.61 -8.03
C GLY B 173 44.61 12.42 -6.70
N ASN B 174 43.40 11.84 -6.76
CA ASN B 174 42.62 11.36 -5.59
C ASN B 174 42.38 12.37 -4.44
N GLU B 175 43.40 13.15 -4.08
CA GLU B 175 43.20 14.30 -3.20
C GLU B 175 43.69 15.59 -3.92
N PHE B 176 42.82 16.58 -4.05
CA PHE B 176 41.53 16.58 -3.39
C PHE B 176 40.45 15.75 -4.08
N GLY B 177 39.90 16.24 -5.19
CA GLY B 177 38.69 15.64 -5.72
C GLY B 177 37.57 15.81 -4.70
N TRP B 178 37.61 15.04 -3.61
CA TRP B 178 36.64 15.15 -2.54
C TRP B 178 36.68 16.52 -1.87
N HIS B 179 37.89 16.92 -1.51
CA HIS B 179 38.11 18.17 -0.79
C HIS B 179 37.85 19.39 -1.69
N ALA B 180 38.07 19.25 -3.00
CA ALA B 180 37.65 20.24 -3.99
C ALA B 180 36.14 20.48 -3.90
N ALA B 181 35.37 19.40 -3.95
CA ALA B 181 33.92 19.49 -3.79
C ALA B 181 33.52 20.16 -2.46
N PHE B 182 34.16 19.77 -1.36
CA PHE B 182 33.85 20.40 -0.07
C PHE B 182 34.14 21.91 -0.11
N ALA B 183 35.17 22.30 -0.86
CA ALA B 183 35.46 23.73 -1.05
C ALA B 183 34.32 24.41 -1.78
N VAL B 184 33.80 23.76 -2.83
CA VAL B 184 32.63 24.29 -3.55
C VAL B 184 31.47 24.53 -2.56
N CYS B 185 31.26 23.57 -1.64
CA CYS B 185 30.30 23.76 -0.53
C CYS B 185 30.56 25.04 0.32
N CYS B 186 31.81 25.17 0.77
CA CYS B 186 32.23 26.32 1.56
C CYS B 186 31.99 27.66 0.83
N VAL B 187 32.41 27.75 -0.43
CA VAL B 187 32.29 29.02 -1.17
C VAL B 187 30.84 29.26 -1.57
N GLY B 188 30.02 28.20 -1.55
CA GLY B 188 28.59 28.34 -1.69
C GLY B 188 28.04 29.09 -0.47
N ILE B 189 28.42 28.59 0.70
CA ILE B 189 28.03 29.23 1.96
C ILE B 189 28.50 30.70 1.95
N LEU B 190 29.76 30.95 1.62
CA LEU B 190 30.30 32.32 1.56
C LEU B 190 29.61 33.24 0.55
N VAL B 191 29.31 32.70 -0.63
CA VAL B 191 28.56 33.45 -1.61
C VAL B 191 27.24 33.87 -0.96
N GLY B 192 26.59 32.93 -0.26
CA GLY B 192 25.37 33.24 0.47
C GLY B 192 25.54 34.39 1.47
N LEU B 193 26.65 34.34 2.20
CA LEU B 193 26.95 35.40 3.15
C LEU B 193 27.16 36.78 2.49
N GLY B 194 27.94 36.83 1.41
CA GLY B 194 28.19 38.07 0.69
C GLY B 194 26.90 38.66 0.13
N ASN B 195 26.05 37.75 -0.32
CA ASN B 195 24.70 38.04 -0.73
C ASN B 195 23.99 38.85 0.36
N TYR B 196 23.88 38.21 1.52
CA TYR B 196 23.31 38.88 2.70
C TYR B 196 23.93 40.25 2.99
N ALA B 197 25.26 40.32 3.07
CA ALA B 197 25.95 41.57 3.38
C ALA B 197 25.60 42.69 2.40
N LEU B 198 25.41 42.31 1.14
CA LEU B 198 24.99 43.26 0.12
C LEU B 198 23.47 43.43 0.13
N MET B 199 22.82 42.87 1.14
CA MET B 199 21.37 42.99 1.23
C MET B 199 20.86 43.22 2.67
N HIS B 200 21.75 43.64 3.58
CA HIS B 200 21.58 43.39 5.02
C HIS B 200 20.54 44.29 5.73
N LYS B 201 20.90 45.52 6.08
CA LYS B 201 19.98 46.44 6.73
C LYS B 201 18.90 46.81 5.74
N SER B 202 19.31 46.88 4.48
CA SER B 202 18.43 47.07 3.35
C SER B 202 17.18 46.19 3.47
N LEU B 203 17.37 44.88 3.48
CA LEU B 203 16.23 43.97 3.57
C LEU B 203 15.78 43.70 5.02
N ALA B 204 16.62 43.01 5.79
CA ALA B 204 16.28 42.51 7.13
C ALA B 204 15.61 43.52 8.07
N ASN B 205 16.26 44.65 8.32
CA ASN B 205 15.68 45.76 9.09
C ASN B 205 15.06 45.35 10.43
N TYR B 206 13.83 44.83 10.39
CA TYR B 206 13.12 44.39 11.59
C TYR B 206 12.92 42.85 11.67
N GLY B 207 13.29 42.27 12.81
CA GLY B 207 13.23 40.84 13.11
C GLY B 207 14.19 40.56 14.26
N SER B 208 13.89 39.55 15.10
CA SER B 208 14.69 39.12 16.30
C SER B 208 14.37 39.86 17.62
N GLU B 209 14.47 39.17 18.76
CA GLU B 209 14.10 39.76 20.07
C GLU B 209 15.23 40.46 20.87
N PRO B 210 16.43 39.86 20.90
CA PRO B 210 17.56 40.35 21.68
C PRO B 210 18.64 40.98 20.80
N ASP B 211 18.23 41.38 19.58
CA ASP B 211 19.14 41.97 18.61
C ASP B 211 18.90 43.47 18.47
N THR B 212 17.87 43.95 19.16
CA THR B 212 17.49 45.37 19.17
C THR B 212 18.35 46.17 20.15
N ARG B 213 19.27 45.47 20.82
CA ARG B 213 20.22 46.06 21.77
C ARG B 213 21.60 45.47 21.46
N PRO B 214 22.68 45.99 22.08
CA PRO B 214 24.01 45.45 21.73
C PRO B 214 24.24 44.00 22.22
N VAL B 215 25.27 43.32 21.70
CA VAL B 215 25.54 41.90 22.06
C VAL B 215 26.08 41.75 23.49
N ASN B 216 25.74 40.65 24.15
CA ASN B 216 26.23 40.40 25.50
C ASN B 216 27.51 39.58 25.41
N LYS B 217 28.64 40.29 25.40
CA LYS B 217 29.95 39.68 25.17
C LYS B 217 30.21 38.52 26.11
N LYS B 218 29.66 38.55 27.33
CA LYS B 218 29.75 37.38 28.19
C LYS B 218 29.05 36.16 27.57
N SER B 219 27.88 36.39 26.96
CA SER B 219 27.06 35.31 26.41
C SER B 219 27.59 34.88 25.07
N LEU B 220 28.30 35.76 24.40
CA LEU B 220 28.94 35.38 23.16
C LEU B 220 30.15 34.52 23.52
N ALA B 221 30.79 34.90 24.62
CA ALA B 221 31.91 34.13 25.14
C ALA B 221 31.42 32.74 25.47
N ILE B 222 30.44 32.66 26.37
CA ILE B 222 29.97 31.37 26.84
C ILE B 222 29.37 30.52 25.71
N VAL B 223 28.71 31.17 24.74
CA VAL B 223 28.15 30.42 23.62
C VAL B 223 29.28 29.84 22.77
N LEU B 224 30.30 30.64 22.47
CA LEU B 224 31.41 30.12 21.67
C LEU B 224 32.13 28.98 22.42
N ALA B 225 32.32 29.14 23.73
CA ALA B 225 32.94 28.10 24.52
C ALA B 225 32.17 26.82 24.38
N LEU B 226 30.89 26.86 24.76
CA LEU B 226 30.01 25.68 24.69
C LEU B 226 29.85 25.15 23.25
N ALA B 227 30.08 26.01 22.26
CA ALA B 227 30.04 25.62 20.86
C ALA B 227 31.22 24.71 20.51
N ALA B 228 32.40 25.16 20.93
CA ALA B 228 33.62 24.40 20.75
C ALA B 228 33.46 23.05 21.42
N LEU B 229 32.95 23.12 22.64
CA LEU B 229 32.64 21.90 23.40
C LEU B 229 31.69 20.98 22.65
N SER B 230 30.74 21.56 21.91
CA SER B 230 29.82 20.76 21.10
C SER B 230 30.47 20.13 19.90
N VAL B 231 31.49 20.78 19.35
CA VAL B 231 32.21 20.19 18.22
C VAL B 231 32.95 18.98 18.73
N VAL B 232 33.50 19.09 19.95
CA VAL B 232 34.19 17.94 20.55
C VAL B 232 33.21 16.80 20.91
N ALA B 233 32.09 17.16 21.52
CA ALA B 233 31.05 16.20 21.84
C ALA B 233 30.54 15.48 20.57
N SER B 234 30.27 16.26 19.52
CA SER B 234 29.89 15.73 18.22
C SER B 234 30.93 14.73 17.73
N ALA B 235 32.15 15.20 17.52
CA ALA B 235 33.22 14.35 17.02
C ALA B 235 33.32 13.02 17.77
N ILE B 236 33.13 13.05 19.09
CA ILE B 236 33.17 11.81 19.87
C ILE B 236 31.95 10.95 19.57
N ILE B 237 30.78 11.56 19.41
CA ILE B 237 29.59 10.77 19.08
C ILE B 237 29.75 10.06 17.72
N LEU B 238 30.28 10.82 16.75
CA LEU B 238 30.49 10.29 15.43
C LEU B 238 31.48 9.15 15.48
N GLU B 239 32.67 9.43 16.01
CA GLU B 239 33.75 8.46 16.06
C GLU B 239 33.33 7.09 16.58
N TYR B 240 32.74 7.01 17.78
CA TYR B 240 32.33 5.74 18.41
C TYR B 240 30.86 5.35 18.20
N GLU B 241 30.62 4.23 17.50
CA GLU B 241 29.26 3.77 17.23
C GLU B 241 28.45 3.49 18.47
N ASP B 242 29.11 3.02 19.51
CA ASP B 242 28.40 2.69 20.73
C ASP B 242 27.91 3.92 21.46
N VAL B 243 28.76 4.96 21.51
CA VAL B 243 28.38 6.23 22.13
C VAL B 243 27.16 6.84 21.47
N ALA B 244 27.17 6.92 20.14
CA ALA B 244 26.02 7.41 19.40
C ALA B 244 24.82 6.53 19.64
N ARG B 245 24.99 5.21 19.67
CA ARG B 245 23.85 4.31 19.89
C ARG B 245 23.19 4.59 21.27
N VAL B 246 24.04 4.71 22.29
CA VAL B 246 23.59 5.01 23.65
C VAL B 246 22.94 6.38 23.75
N PHE B 247 23.53 7.34 23.04
CA PHE B 247 23.03 8.71 22.99
C PHE B 247 21.64 8.74 22.33
N VAL B 248 21.48 8.07 21.18
CA VAL B 248 20.20 8.07 20.51
C VAL B 248 19.17 7.36 21.37
N TYR B 249 19.54 6.26 22.02
CA TYR B 249 18.57 5.58 22.87
C TYR B 249 18.14 6.47 24.05
N ALA B 250 19.09 7.19 24.61
CA ALA B 250 18.83 8.13 25.68
C ALA B 250 17.83 9.16 25.20
N ALA B 251 18.10 9.74 24.03
CA ALA B 251 17.18 10.67 23.40
C ALA B 251 15.79 10.05 23.17
N GLY B 252 15.73 8.73 23.04
CA GLY B 252 14.48 8.04 22.83
C GLY B 252 13.62 8.03 24.06
N VAL B 253 14.14 7.37 25.10
CA VAL B 253 13.43 7.30 26.38
C VAL B 253 13.13 8.73 26.91
N ALA B 254 13.97 9.72 26.53
CA ALA B 254 13.73 11.11 26.92
C ALA B 254 12.54 11.73 26.17
N VAL B 255 12.56 11.63 24.85
CA VAL B 255 11.46 12.22 24.07
C VAL B 255 10.10 11.57 24.40
N LEU B 256 10.02 10.24 24.44
CA LEU B 256 8.74 9.62 24.76
C LEU B 256 8.39 9.89 26.23
N GLY B 257 9.45 9.97 27.05
CA GLY B 257 9.31 10.32 28.45
C GLY B 257 8.51 11.61 28.63
N ILE B 258 9.04 12.72 28.13
CA ILE B 258 8.39 14.01 28.32
C ILE B 258 7.13 14.13 27.48
N PHE B 259 7.00 13.26 26.48
CA PHE B 259 5.79 13.27 25.66
C PHE B 259 4.61 12.77 26.46
N PHE B 260 4.84 11.75 27.30
CA PHE B 260 3.77 11.30 28.17
C PHE B 260 3.26 12.42 29.11
N HIS B 261 4.06 13.47 29.27
CA HIS B 261 3.68 14.61 30.11
C HIS B 261 3.56 15.89 29.29
N GLY B 273 -5.27 17.36 24.11
CA GLY B 273 -5.31 17.39 22.65
C GLY B 273 -3.94 17.31 21.98
N LEU B 274 -2.92 17.10 22.81
CA LEU B 274 -1.56 16.75 22.36
C LEU B 274 -1.59 15.28 21.98
N ILE B 275 -2.54 14.57 22.59
CA ILE B 275 -2.86 13.17 22.30
C ILE B 275 -2.95 12.95 20.79
N ALA B 276 -3.49 13.96 20.11
CA ALA B 276 -3.62 13.93 18.66
C ALA B 276 -2.24 13.98 18.02
N ALA B 277 -1.39 14.90 18.48
CA ALA B 277 -0.05 15.07 17.93
C ALA B 277 0.86 13.87 18.22
N LEU B 278 0.47 13.04 19.18
CA LEU B 278 1.19 11.82 19.50
C LEU B 278 1.43 10.94 18.27
N ILE B 279 0.35 10.32 17.81
CA ILE B 279 0.40 9.34 16.74
C ILE B 279 0.95 9.99 15.47
N LEU B 280 0.68 11.28 15.32
CA LEU B 280 1.20 12.08 14.22
C LEU B 280 2.73 12.11 14.22
N THR B 281 3.33 12.46 15.35
CA THR B 281 4.79 12.54 15.44
C THR B 281 5.40 11.12 15.27
N VAL B 282 4.67 10.10 15.73
CA VAL B 282 5.07 8.71 15.48
C VAL B 282 5.19 8.41 13.96
N GLN B 283 4.17 8.84 13.23
CA GLN B 283 4.17 8.69 11.79
C GLN B 283 5.30 9.49 11.16
N THR B 284 5.64 10.62 11.75
CA THR B 284 6.81 11.38 11.29
C THR B 284 8.09 10.52 11.36
N VAL B 285 8.24 9.77 12.47
CA VAL B 285 9.36 8.83 12.64
C VAL B 285 9.44 7.79 11.50
N PHE B 286 8.29 7.16 11.19
CA PHE B 286 8.30 6.22 10.07
C PHE B 286 8.75 6.90 8.76
N PHE B 287 8.13 8.04 8.46
CA PHE B 287 8.48 8.70 7.22
C PHE B 287 9.97 9.05 7.16
N PHE B 288 10.59 9.36 8.29
CA PHE B 288 12.02 9.68 8.18
C PHE B 288 12.90 8.45 8.02
N ILE B 289 12.51 7.30 8.58
CA ILE B 289 13.27 6.06 8.27
C ILE B 289 13.24 5.89 6.73
N PHE B 290 12.08 6.13 6.13
CA PHE B 290 12.06 6.09 4.65
C PHE B 290 12.88 7.20 3.97
N TYR B 291 12.93 8.40 4.54
CA TYR B 291 13.66 9.49 3.90
C TYR B 291 15.18 9.28 3.94
N GLN B 292 15.66 8.74 5.06
CA GLN B 292 17.09 8.58 5.29
C GLN B 292 17.74 7.60 4.28
N GLN B 293 16.93 6.81 3.58
CA GLN B 293 17.47 5.84 2.62
C GLN B 293 18.22 6.48 1.44
N MET B 294 17.85 7.68 0.98
CA MET B 294 18.52 8.19 -0.22
C MET B 294 19.95 8.66 0.06
N SER B 295 20.23 9.16 1.27
CA SER B 295 21.61 9.52 1.67
C SER B 295 22.47 8.28 1.76
N THR B 296 21.83 7.14 2.00
CA THR B 296 22.49 5.90 2.35
C THR B 296 22.28 4.74 1.37
N SER B 297 21.27 3.90 1.61
CA SER B 297 21.17 2.66 0.85
C SER B 297 20.83 2.89 -0.62
N LEU B 298 19.97 3.87 -0.92
CA LEU B 298 19.71 4.24 -2.32
C LEU B 298 20.98 4.81 -2.97
N ALA B 299 21.77 5.54 -2.18
CA ALA B 299 23.03 6.12 -2.66
C ALA B 299 24.03 5.01 -3.04
N LEU B 300 24.23 4.08 -2.12
CA LEU B 300 25.15 2.96 -2.33
C LEU B 300 24.66 2.05 -3.47
N PHE B 301 23.35 1.74 -3.49
CA PHE B 301 22.72 0.98 -4.58
C PHE B 301 23.00 1.68 -5.90
N ALA B 302 22.83 3.00 -5.92
CA ALA B 302 23.04 3.77 -7.15
C ALA B 302 24.47 3.61 -7.64
N LEU B 303 25.41 3.58 -6.70
CA LEU B 303 26.83 3.44 -7.01
C LEU B 303 27.20 2.05 -7.50
N ARG B 304 26.52 1.03 -7.00
CA ARG B 304 27.01 -0.33 -7.20
C ARG B 304 26.18 -1.16 -8.17
N ASN B 305 24.90 -0.84 -8.30
CA ASN B 305 24.06 -1.60 -9.22
C ASN B 305 23.19 -0.80 -10.16
N VAL B 306 23.70 0.29 -10.72
CA VAL B 306 22.93 1.07 -11.68
C VAL B 306 23.83 1.44 -12.84
N ASP B 307 23.33 1.20 -14.05
CA ASP B 307 23.96 1.62 -15.29
C ASP B 307 23.87 3.12 -15.40
N TRP B 308 24.98 3.79 -15.15
CA TRP B 308 25.02 5.25 -15.13
C TRP B 308 24.75 5.90 -16.47
N ASP B 309 24.53 5.08 -17.50
CA ASP B 309 24.25 5.56 -18.83
C ASP B 309 22.76 5.79 -18.98
N PHE B 310 22.40 7.05 -19.09
CA PHE B 310 21.00 7.43 -19.23
C PHE B 310 20.60 7.50 -20.70
N GLN B 311 19.65 6.67 -21.12
CA GLN B 311 19.16 6.68 -22.51
C GLN B 311 17.72 7.16 -22.65
N VAL B 312 17.52 8.26 -23.36
CA VAL B 312 16.17 8.72 -23.68
C VAL B 312 15.71 8.00 -24.94
N PHE B 313 15.07 6.86 -24.73
CA PHE B 313 14.62 5.91 -25.76
C PHE B 313 14.36 6.50 -27.16
N GLY B 314 15.31 6.31 -28.09
CA GLY B 314 16.50 5.52 -27.81
C GLY B 314 17.84 6.06 -28.31
N THR B 315 18.19 7.27 -27.89
CA THR B 315 19.54 7.81 -28.08
C THR B 315 20.18 8.01 -26.68
N HIS B 316 21.30 8.73 -26.58
CA HIS B 316 22.24 8.47 -25.48
C HIS B 316 22.36 9.47 -24.30
N LEU B 317 22.10 10.75 -24.50
CA LEU B 317 22.30 11.76 -23.43
C LEU B 317 21.62 11.44 -22.08
N TRP B 318 22.36 11.57 -20.96
CA TRP B 318 23.82 11.71 -20.94
C TRP B 318 24.39 10.48 -20.21
N THR B 319 25.24 10.68 -19.19
CA THR B 319 25.78 9.60 -18.35
C THR B 319 25.92 10.04 -16.90
N TRP B 320 25.16 9.39 -16.02
CA TRP B 320 25.09 9.78 -14.61
C TRP B 320 26.42 9.64 -13.88
N SER B 321 26.58 10.40 -12.81
CA SER B 321 27.55 10.07 -11.78
C SER B 321 26.74 9.78 -10.54
N PRO B 322 26.86 8.55 -10.01
CA PRO B 322 25.95 8.00 -8.98
C PRO B 322 25.46 9.04 -7.97
N ALA B 323 26.38 9.86 -7.46
CA ALA B 323 26.06 10.85 -6.44
C ALA B 323 24.97 11.83 -6.88
N GLN B 324 24.90 12.04 -8.19
CA GLN B 324 23.94 12.95 -8.81
C GLN B 324 22.50 12.43 -8.92
N PHE B 325 22.31 11.14 -8.69
CA PHE B 325 20.95 10.59 -8.71
C PHE B 325 20.08 11.28 -7.64
N GLN B 326 20.71 11.73 -6.57
CA GLN B 326 19.97 12.39 -5.51
C GLN B 326 19.43 13.71 -6.00
N ALA B 327 20.05 14.28 -7.01
CA ALA B 327 19.52 15.52 -7.57
C ALA B 327 18.12 15.26 -8.16
N LEU B 328 17.81 14.00 -8.47
CA LEU B 328 16.48 13.64 -8.96
C LEU B 328 15.41 13.96 -7.95
N ASN B 329 15.79 14.09 -6.68
CA ASN B 329 14.81 14.40 -5.66
C ASN B 329 14.34 15.87 -5.71
N PRO B 330 15.27 16.85 -5.62
CA PRO B 330 14.80 18.24 -5.72
C PRO B 330 14.24 18.53 -7.11
N ILE B 331 14.92 18.04 -8.15
CA ILE B 331 14.45 18.14 -9.52
C ILE B 331 13.00 17.68 -9.61
N TRP B 332 12.72 16.47 -9.13
CA TRP B 332 11.35 15.99 -9.18
C TRP B 332 10.43 16.86 -8.35
N ILE B 333 10.89 17.30 -7.19
CA ILE B 333 10.05 18.13 -6.32
C ILE B 333 9.73 19.49 -6.92
N MET B 334 10.68 20.10 -7.61
CA MET B 334 10.42 21.35 -8.30
C MET B 334 9.50 21.07 -9.49
N VAL B 335 9.61 19.88 -10.07
CA VAL B 335 8.82 19.54 -11.25
C VAL B 335 7.38 19.20 -10.88
N LEU B 336 7.16 18.56 -9.74
CA LEU B 336 5.81 18.14 -9.38
C LEU B 336 5.16 19.11 -8.40
N SER B 337 5.92 20.14 -7.99
CA SER B 337 5.39 21.17 -7.10
C SER B 337 4.30 22.03 -7.77
N PRO B 338 4.49 22.46 -9.03
CA PRO B 338 3.40 23.24 -9.62
C PRO B 338 2.15 22.41 -9.90
N VAL B 339 2.30 21.11 -10.07
CA VAL B 339 1.21 20.26 -10.51
C VAL B 339 0.21 19.95 -9.38
N LEU B 340 0.70 19.76 -8.16
CA LEU B 340 -0.18 19.41 -7.03
C LEU B 340 -1.16 20.53 -6.62
N ALA B 341 -0.86 21.79 -6.96
CA ALA B 341 -1.75 22.89 -6.64
C ALA B 341 -3.13 22.74 -7.32
N TRP B 342 -3.17 21.92 -8.36
CA TRP B 342 -4.38 21.74 -9.17
C TRP B 342 -5.28 20.62 -8.67
N ILE B 356 -7.88 15.73 6.98
CA ILE B 356 -7.02 15.42 5.84
C ILE B 356 -5.56 15.29 6.26
N ALA B 357 -5.33 14.34 7.17
CA ALA B 357 -4.04 13.69 7.31
C ALA B 357 -4.17 12.37 6.57
N ALA B 358 -5.14 12.31 5.67
CA ALA B 358 -5.23 11.24 4.67
C ALA B 358 -4.13 11.48 3.63
N LYS B 359 -3.61 12.71 3.58
CA LYS B 359 -2.47 13.02 2.72
C LYS B 359 -1.27 12.23 3.20
N PHE B 360 -1.19 11.94 4.50
CA PHE B 360 -0.16 11.06 5.08
C PHE B 360 -0.29 9.63 4.51
N ALA B 361 -1.53 9.13 4.48
CA ALA B 361 -1.82 7.79 3.93
C ALA B 361 -1.35 7.68 2.48
N LEU B 362 -1.84 8.60 1.65
CA LEU B 362 -1.40 8.64 0.25
C LEU B 362 0.13 8.74 0.18
N GLY B 363 0.72 9.53 1.06
CA GLY B 363 2.16 9.70 1.07
C GLY B 363 2.86 8.37 1.19
N PHE B 364 2.56 7.66 2.28
CA PHE B 364 3.16 6.35 2.53
C PHE B 364 2.89 5.39 1.35
N ALA B 365 1.70 5.45 0.76
CA ALA B 365 1.37 4.58 -0.37
C ALA B 365 2.28 4.86 -1.58
N VAL B 366 2.47 6.12 -1.90
CA VAL B 366 3.27 6.49 -3.06
C VAL B 366 4.76 6.15 -2.82
N VAL B 367 5.23 6.36 -1.60
CA VAL B 367 6.57 5.89 -1.19
C VAL B 367 6.69 4.36 -1.36
N ALA B 368 5.65 3.64 -0.96
CA ALA B 368 5.61 2.18 -1.16
C ALA B 368 5.84 1.83 -2.63
N ILE B 369 5.03 2.34 -3.57
CA ILE B 369 5.28 1.90 -4.94
C ILE B 369 6.61 2.49 -5.49
N GLY B 370 7.15 3.55 -4.88
CA GLY B 370 8.47 4.04 -5.26
C GLY B 370 9.54 2.98 -4.98
N PHE B 371 9.46 2.44 -3.76
CA PHE B 371 10.35 1.37 -3.29
C PHE B 371 10.12 0.07 -4.03
N PHE B 372 8.91 -0.12 -4.54
CA PHE B 372 8.60 -1.28 -5.34
C PHE B 372 9.15 -1.12 -6.73
N ILE B 373 9.27 0.11 -7.19
CA ILE B 373 9.93 0.37 -8.45
C ILE B 373 11.39 0.00 -8.30
N TYR B 374 12.06 0.49 -7.25
CA TYR B 374 13.48 0.07 -7.02
C TYR B 374 13.59 -1.45 -6.79
N GLY B 375 12.58 -2.05 -6.18
CA GLY B 375 12.65 -3.47 -5.91
C GLY B 375 12.46 -4.27 -7.18
N PHE B 376 11.64 -3.74 -8.08
CA PHE B 376 11.38 -4.39 -9.35
C PHE B 376 12.44 -3.94 -10.32
N ALA B 377 13.48 -3.28 -9.78
CA ALA B 377 14.66 -2.98 -10.58
C ALA B 377 15.49 -4.22 -10.88
N GLY B 378 15.22 -5.33 -10.21
CA GLY B 378 15.90 -6.59 -10.52
C GLY B 378 15.20 -7.40 -11.61
N GLN B 379 13.92 -7.71 -11.40
CA GLN B 379 13.13 -8.58 -12.28
C GLN B 379 13.00 -8.04 -13.71
N PHE B 380 13.54 -6.85 -13.94
CA PHE B 380 13.76 -6.29 -15.28
C PHE B 380 14.98 -5.37 -15.22
N ALA B 381 15.48 -4.93 -16.38
CA ALA B 381 16.62 -4.01 -16.47
C ALA B 381 17.87 -4.43 -15.67
N VAL B 382 18.55 -5.50 -16.09
CA VAL B 382 19.66 -6.05 -15.33
C VAL B 382 20.77 -6.68 -16.16
N ASN B 383 22.02 -6.30 -15.88
CA ASN B 383 23.22 -6.93 -16.43
C ASN B 383 24.31 -7.06 -15.38
N GLY B 384 23.99 -7.63 -14.23
CA GLY B 384 24.77 -7.34 -13.04
C GLY B 384 24.30 -5.98 -12.52
N LYS B 385 25.05 -4.94 -12.87
CA LYS B 385 24.68 -3.57 -12.49
C LYS B 385 23.93 -2.84 -13.61
N THR B 386 22.61 -2.72 -13.49
CA THR B 386 21.84 -1.97 -14.49
C THR B 386 20.45 -1.47 -14.00
N SER B 387 19.98 -0.34 -14.54
CA SER B 387 18.62 0.12 -14.36
C SER B 387 18.40 1.51 -15.02
N SER B 388 18.92 2.54 -14.34
CA SER B 388 18.88 3.97 -14.72
C SER B 388 17.47 4.61 -14.61
N TRP B 389 16.54 4.23 -15.49
CA TRP B 389 15.21 4.82 -15.44
C TRP B 389 14.46 4.33 -14.21
N VAL B 390 14.97 3.24 -13.62
CA VAL B 390 14.43 2.77 -12.38
C VAL B 390 14.65 3.84 -11.36
N MET B 391 15.79 4.51 -11.44
CA MET B 391 16.13 5.61 -10.52
C MET B 391 15.33 6.89 -10.75
N ILE B 392 15.02 7.20 -12.01
CA ILE B 392 14.24 8.39 -12.31
C ILE B 392 12.81 8.18 -11.87
N TRP B 393 12.22 7.03 -12.21
CA TRP B 393 10.86 6.77 -11.78
C TRP B 393 10.75 6.49 -10.28
N GLY B 394 11.75 5.82 -9.76
CA GLY B 394 11.83 5.55 -8.34
C GLY B 394 11.82 6.86 -7.58
N TYR B 395 12.71 7.76 -7.96
CA TYR B 395 12.77 9.05 -7.29
C TYR B 395 11.53 9.89 -7.59
N ALA B 396 10.93 9.71 -8.77
CA ALA B 396 9.70 10.43 -9.09
C ALA B 396 8.63 10.11 -8.06
N SER B 397 8.36 8.81 -7.92
CA SER B 397 7.33 8.33 -7.01
C SER B 397 7.66 8.66 -5.55
N TYR B 398 8.85 8.28 -5.10
CA TYR B 398 9.16 8.57 -3.72
C TYR B 398 9.03 10.09 -3.43
N SER B 399 9.63 10.94 -4.26
CA SER B 399 9.62 12.38 -3.98
C SER B 399 8.22 13.01 -4.15
N LEU B 400 7.35 12.39 -4.94
CA LEU B 400 5.93 12.77 -4.91
C LEU B 400 5.42 12.55 -3.48
N GLY B 401 5.77 11.38 -2.92
CA GLY B 401 5.45 11.05 -1.54
C GLY B 401 6.01 12.05 -0.55
N GLU B 402 7.20 12.58 -0.84
CA GLU B 402 7.79 13.65 -0.01
C GLU B 402 6.99 14.94 -0.09
N LEU B 403 6.66 15.39 -1.31
CA LEU B 403 5.85 16.60 -1.53
C LEU B 403 4.52 16.56 -0.84
N LEU B 404 3.95 15.37 -0.70
CA LEU B 404 2.61 15.26 -0.11
C LEU B 404 2.61 15.38 1.41
N VAL B 405 3.75 15.15 2.03
CA VAL B 405 3.83 15.18 3.48
C VAL B 405 4.73 16.36 3.92
N SER B 406 5.20 17.14 2.95
CA SER B 406 6.21 18.17 3.20
C SER B 406 5.69 19.46 3.81
N GLY B 407 4.37 19.61 3.90
CA GLY B 407 3.83 20.83 4.48
C GLY B 407 3.01 20.58 5.73
N LEU B 408 2.10 19.63 5.63
CA LEU B 408 1.17 19.34 6.72
C LEU B 408 1.84 18.46 7.80
N GLY B 409 3.03 18.87 8.21
CA GLY B 409 3.78 18.18 9.23
C GLY B 409 4.20 19.13 10.35
N LEU B 410 5.17 19.98 10.04
CA LEU B 410 5.66 20.98 10.99
C LEU B 410 4.53 21.97 11.30
N ALA B 411 3.89 22.43 10.23
CA ALA B 411 2.74 23.32 10.33
C ALA B 411 1.61 22.71 11.17
N MET B 412 1.14 21.52 10.79
CA MET B 412 0.01 20.85 11.48
C MET B 412 0.29 20.54 12.95
N ILE B 413 1.51 20.08 13.24
CA ILE B 413 1.85 19.80 14.64
C ILE B 413 1.88 21.12 15.43
N ALA B 414 2.45 22.17 14.85
CA ALA B 414 2.47 23.47 15.54
C ALA B 414 1.09 24.16 15.54
N ARG B 415 0.10 23.56 14.87
CA ARG B 415 -1.25 24.11 14.78
C ARG B 415 -2.34 23.33 15.56
N TYR B 416 -1.97 22.28 16.30
CA TYR B 416 -2.92 21.53 17.14
C TYR B 416 -2.38 21.17 18.51
N MET B 425 6.91 20.24 23.46
CA MET B 425 6.43 19.64 22.22
C MET B 425 7.52 19.71 21.15
N MET B 426 8.03 20.92 20.87
CA MET B 426 9.10 21.10 19.89
C MET B 426 10.38 20.26 20.04
N GLY B 427 10.85 20.18 21.28
CA GLY B 427 11.99 19.34 21.59
C GLY B 427 11.63 17.93 21.17
N ALA B 428 10.52 17.43 21.72
CA ALA B 428 10.06 16.07 21.44
C ALA B 428 10.03 15.76 19.95
N TYR B 429 9.54 16.71 19.14
CA TYR B 429 9.48 16.52 17.69
C TYR B 429 10.87 16.43 17.08
N PHE B 430 11.75 17.37 17.40
CA PHE B 430 13.11 17.34 16.82
C PHE B 430 13.96 16.12 17.26
N VAL B 431 13.73 15.66 18.49
CA VAL B 431 14.40 14.49 19.03
C VAL B 431 13.82 13.23 18.38
N ALA B 432 12.51 13.13 18.23
CA ALA B 432 11.93 11.96 17.59
C ALA B 432 12.40 11.87 16.12
N SER B 433 12.46 13.01 15.45
CA SER B 433 12.89 13.06 14.05
C SER B 433 14.38 12.81 13.85
N GLY B 434 15.19 13.42 14.71
CA GLY B 434 16.63 13.19 14.67
C GLY B 434 16.90 11.72 14.94
N ILE B 435 16.15 11.14 15.87
CA ILE B 435 16.30 9.75 16.22
C ILE B 435 15.98 8.88 15.01
N SER B 436 14.87 9.18 14.35
CA SER B 436 14.47 8.33 13.23
C SER B 436 15.43 8.49 12.03
N GLN B 437 16.21 9.56 11.99
CA GLN B 437 17.35 9.56 11.04
C GLN B 437 18.33 8.39 11.31
N TYR B 438 18.74 8.26 12.57
CA TYR B 438 19.58 7.15 13.02
C TYR B 438 18.94 5.79 12.72
N LEU B 439 17.73 5.58 13.20
CA LEU B 439 17.01 4.34 12.89
C LEU B 439 17.01 4.07 11.38
N GLY B 440 16.78 5.12 10.59
CA GLY B 440 16.85 5.01 9.13
C GLY B 440 18.21 4.48 8.66
N GLY B 441 19.27 4.85 9.36
CA GLY B 441 20.56 4.25 9.09
C GLY B 441 20.64 2.77 9.44
N VAL B 442 20.17 2.38 10.63
CA VAL B 442 20.30 0.96 11.01
C VAL B 442 19.38 0.10 10.14
N VAL B 443 18.36 0.73 9.55
CA VAL B 443 17.48 0.04 8.62
C VAL B 443 18.20 -0.09 7.28
N ALA B 444 18.90 0.96 6.88
CA ALA B 444 19.67 0.92 5.63
C ALA B 444 20.83 -0.06 5.71
N ASN B 445 21.20 -0.43 6.94
CA ASN B 445 22.25 -1.40 7.17
C ASN B 445 21.82 -2.82 6.81
N PHE B 446 20.51 -3.05 6.74
CA PHE B 446 19.99 -4.37 6.42
C PHE B 446 20.38 -4.78 5.02
N ALA B 447 20.84 -3.81 4.23
CA ALA B 447 21.35 -4.14 2.90
C ALA B 447 22.84 -3.80 2.72
N SER B 448 23.65 -3.99 3.77
CA SER B 448 25.06 -3.60 3.68
C SER B 448 25.89 -4.71 3.08
N VAL B 449 26.64 -4.36 2.03
CA VAL B 449 27.46 -5.29 1.26
C VAL B 449 28.91 -5.39 1.78
N PRO B 450 29.35 -6.61 2.18
CA PRO B 450 30.76 -6.84 2.59
C PRO B 450 31.77 -6.22 1.62
N GLN B 451 32.90 -5.71 2.11
CA GLN B 451 33.89 -5.02 1.24
C GLN B 451 34.52 -5.97 0.18
N ASP B 452 34.62 -7.26 0.50
CA ASP B 452 35.24 -8.26 -0.36
C ASP B 452 34.25 -8.88 -1.35
N LEU B 453 33.08 -8.23 -1.43
CA LEU B 453 32.05 -8.60 -2.39
C LEU B 453 31.78 -7.48 -3.39
N VAL B 454 32.26 -7.64 -4.62
CA VAL B 454 32.15 -6.61 -5.65
C VAL B 454 31.44 -7.11 -6.92
N ASP B 455 31.05 -8.38 -6.96
CA ASP B 455 30.39 -8.93 -8.15
C ASP B 455 28.93 -8.50 -8.15
N PRO B 456 28.59 -7.45 -8.93
CA PRO B 456 27.30 -6.75 -8.82
C PRO B 456 26.12 -7.69 -9.01
N LEU B 457 26.42 -8.80 -9.69
CA LEU B 457 25.47 -9.86 -9.96
C LEU B 457 24.94 -10.43 -8.64
N GLN B 458 25.70 -10.20 -7.58
CA GLN B 458 25.39 -10.70 -6.24
C GLN B 458 24.89 -9.63 -5.28
N THR B 459 25.34 -8.40 -5.49
CA THR B 459 24.97 -7.28 -4.63
C THR B 459 23.54 -6.80 -4.99
N LEU B 460 23.11 -7.02 -6.23
CA LEU B 460 21.75 -6.61 -6.61
C LEU B 460 20.61 -7.19 -5.73
N PRO B 461 20.62 -8.50 -5.41
CA PRO B 461 19.54 -9.03 -4.55
C PRO B 461 19.48 -8.42 -3.16
N VAL B 462 20.63 -8.22 -2.51
CA VAL B 462 20.62 -7.74 -1.14
C VAL B 462 19.96 -6.38 -1.07
N TYR B 463 20.06 -5.60 -2.16
CA TYR B 463 19.45 -4.27 -2.24
C TYR B 463 17.96 -4.31 -2.44
N THR B 464 17.51 -5.11 -3.39
CA THR B 464 16.09 -5.13 -3.74
C THR B 464 15.28 -5.95 -2.73
N ASN B 465 15.92 -6.50 -1.70
CA ASN B 465 15.15 -7.07 -0.60
C ASN B 465 14.79 -5.99 0.39
N LEU B 466 15.79 -5.19 0.75
CA LEU B 466 15.55 -4.07 1.63
C LEU B 466 14.48 -3.18 0.99
N PHE B 467 14.59 -2.93 -0.31
CA PHE B 467 13.65 -2.05 -1.02
C PHE B 467 12.24 -2.60 -1.07
N ASN B 468 12.10 -3.90 -1.28
CA ASN B 468 10.77 -4.51 -1.27
C ASN B 468 10.20 -4.56 0.11
N LYS B 469 11.07 -4.85 1.08
CA LYS B 469 10.60 -4.94 2.43
C LYS B 469 10.20 -3.52 2.87
N LEU B 470 10.90 -2.50 2.42
CA LEU B 470 10.48 -1.15 2.75
C LEU B 470 9.18 -0.79 2.04
N GLY B 471 9.01 -1.19 0.79
CA GLY B 471 7.74 -0.93 0.09
C GLY B 471 6.56 -1.50 0.86
N VAL B 472 6.75 -2.70 1.42
CA VAL B 472 5.75 -3.36 2.27
C VAL B 472 5.59 -2.63 3.61
N ALA B 473 6.71 -2.25 4.23
CA ALA B 473 6.70 -1.45 5.45
C ALA B 473 5.84 -0.18 5.29
N ALA B 474 6.04 0.55 4.19
CA ALA B 474 5.27 1.74 3.86
C ALA B 474 3.75 1.46 3.66
N VAL B 475 3.42 0.29 3.12
CA VAL B 475 2.01 -0.10 3.00
C VAL B 475 1.44 -0.40 4.38
N VAL B 476 2.27 -0.92 5.30
CA VAL B 476 1.80 -1.12 6.67
C VAL B 476 1.48 0.24 7.29
N CYS B 477 2.40 1.19 7.09
CA CYS B 477 2.23 2.58 7.53
C CYS B 477 0.96 3.22 6.94
N THR B 478 0.66 2.92 5.68
CA THR B 478 -0.53 3.44 5.02
C THR B 478 -1.77 2.89 5.73
N ILE B 479 -1.66 1.69 6.28
CA ILE B 479 -2.79 1.08 6.99
C ILE B 479 -2.97 1.72 8.36
N ILE B 480 -1.84 1.94 9.05
CA ILE B 480 -1.78 2.65 10.32
C ILE B 480 -2.37 4.03 10.17
N ALA B 481 -2.03 4.67 9.05
CA ALA B 481 -2.50 6.02 8.76
C ALA B 481 -4.02 6.08 8.76
N LEU B 482 -4.63 5.28 7.90
CA LEU B 482 -6.07 5.27 7.71
C LEU B 482 -6.86 4.70 8.89
N ALA B 483 -6.28 3.78 9.65
CA ALA B 483 -6.95 3.19 10.79
C ALA B 483 -7.07 4.20 11.93
N VAL B 484 -6.02 5.00 12.11
CA VAL B 484 -5.94 5.97 13.21
C VAL B 484 -6.66 7.26 12.83
N LEU B 485 -7.29 7.26 11.66
CA LEU B 485 -7.98 8.44 11.11
C LEU B 485 -9.31 8.82 11.81
N PRO B 486 -10.12 7.84 12.21
CA PRO B 486 -11.27 8.26 13.03
C PRO B 486 -10.87 8.80 14.42
N LEU B 487 -9.71 8.42 14.95
CA LEU B 487 -9.23 9.01 16.20
C LEU B 487 -8.95 10.50 16.06
N MET B 488 -8.88 10.99 14.84
CA MET B 488 -8.67 12.42 14.57
C MET B 488 -10.02 13.14 14.55
N ARG B 489 -11.06 12.41 14.12
CA ARG B 489 -12.41 12.92 14.04
C ARG B 489 -13.09 12.93 15.41
N ARG B 490 -12.68 12.00 16.28
CA ARG B 490 -13.27 11.88 17.62
C ARG B 490 -12.92 13.07 18.49
N LEU B 491 -11.68 13.55 18.35
CA LEU B 491 -11.19 14.66 19.16
C LEU B 491 -11.88 15.96 18.71
N THR B 492 -12.02 16.15 17.40
CA THR B 492 -12.61 17.36 16.83
C THR B 492 -14.10 17.48 17.14
N ALA C 1 14.65 17.57 -1.66
CA ALA C 1 15.47 17.87 -0.48
C ALA C 1 14.62 18.30 0.72
N ALA C 2 15.22 18.26 1.91
CA ALA C 2 14.54 18.62 3.13
C ALA C 2 14.95 20.00 3.68
N ALA C 3 14.14 20.49 4.61
CA ALA C 3 14.32 21.76 5.33
C ALA C 3 15.77 22.12 5.65
N ALA D 1 -17.39 -15.12 2.30
CA ALA D 1 -18.24 -15.35 1.13
C ALA D 1 -18.97 -14.08 0.69
N ALA D 2 -19.41 -14.09 -0.56
CA ALA D 2 -20.10 -12.94 -1.15
C ALA D 2 -21.60 -13.17 -1.27
N ALA D 3 -22.30 -12.06 -1.51
CA ALA D 3 -23.73 -12.01 -1.71
C ALA D 3 -24.28 -13.23 -2.43
C1B LMT E . -9.01 -35.91 9.32
C2B LMT E . -8.21 -35.94 10.61
C3B LMT E . -6.75 -35.98 10.29
C4B LMT E . -6.48 -37.08 9.29
C5B LMT E . -7.42 -37.01 8.10
C6B LMT E . -7.18 -38.23 7.23
O1B LMT E . -8.88 -34.70 8.61
O2B LMT E . -8.50 -34.80 11.40
O3B LMT E . -6.01 -36.19 11.47
O4' LMT E . -5.19 -36.90 8.77
O5B LMT E . -8.76 -37.04 8.52
O6B LMT E . -7.52 -39.42 7.94
C1' LMT E . -11.78 -31.81 8.42
C2' LMT E . -11.81 -32.68 9.65
C3' LMT E . -10.70 -33.69 9.75
C4' LMT E . -10.17 -34.16 8.42
C5' LMT E . -10.09 -33.00 7.45
C6' LMT E . -9.51 -33.43 6.12
O1' LMT E . -13.07 -31.23 8.24
O2' LMT E . -11.74 -31.85 10.80
O3' LMT E . -11.22 -34.78 10.47
O5' LMT E . -11.41 -32.53 7.27
O6' LMT E . -10.44 -34.13 5.31
C1 LMT E . -14.19 -31.95 8.76
C2 LMT E . -15.19 -31.03 9.44
C3 LMT E . -16.53 -31.08 8.73
C4 LMT E . -17.56 -30.16 9.38
C5 LMT E . -16.93 -28.92 9.98
C6 LMT E . -17.76 -28.32 11.11
C7 LMT E . -18.43 -27.05 10.61
C8 LMT E . -18.38 -25.95 11.63
C9 LMT E . -19.06 -24.70 11.07
C10 LMT E . -20.56 -24.78 11.19
C11 LMT E . -21.25 -23.54 10.65
C12 LMT E . -22.75 -23.75 10.53
ZN ZN F . 7.49 -7.68 -2.70
C1B LMT G . 30.37 13.78 -18.44
C2B LMT G . 29.80 13.60 -19.83
C3B LMT G . 29.98 12.19 -20.32
C4B LMT G . 31.46 11.89 -20.18
C5B LMT G . 31.74 11.90 -18.69
C6B LMT G . 33.13 11.36 -18.43
O1B LMT G . 29.45 13.42 -17.42
O2B LMT G . 28.44 13.95 -19.84
O3B LMT G . 29.58 12.10 -21.66
O4' LMT G . 31.79 10.65 -20.74
O5B LMT G . 31.67 13.24 -18.27
O6B LMT G . 34.01 11.86 -19.41
C1' LMT G . 27.48 16.06 -14.91
C2' LMT G . 27.58 16.51 -16.33
C3' LMT G . 28.20 15.50 -17.29
C4' LMT G . 29.18 14.57 -16.63
C5' LMT G . 28.63 14.15 -15.31
C6' LMT G . 29.50 13.05 -14.72
O1' LMT G . 27.25 17.15 -14.04
O2' LMT G . 26.26 16.80 -16.76
O3' LMT G . 28.84 16.22 -18.32
O5' LMT G . 28.61 15.32 -14.52
O6' LMT G . 29.93 13.40 -13.42
C1 LMT G . 27.17 18.45 -14.63
C2 LMT G . 26.05 19.26 -14.01
C3 LMT G . 26.64 20.29 -13.05
C4 LMT G . 25.97 21.65 -13.22
C5 LMT G . 24.46 21.55 -13.06
C6 LMT G . 23.81 22.80 -13.59
C7 LMT G . 22.97 23.47 -12.51
C8 LMT G . 21.81 24.18 -13.18
C9 LMT G . 22.27 25.51 -13.78
C10 LMT G . 22.77 26.42 -12.69
C11 LMT G . 22.60 27.88 -13.06
C12 LMT G . 23.95 28.45 -13.46
C1B LMT H . 45.36 10.32 15.98
C2B LMT H . 44.74 9.33 15.01
C3B LMT H . 44.27 8.10 15.73
C4B LMT H . 45.51 7.53 16.42
C5B LMT H . 45.88 8.54 17.48
C6B LMT H . 46.99 7.94 18.35
O1B LMT H . 44.36 11.09 16.61
O2B LMT H . 43.67 9.88 14.29
O3B LMT H . 43.70 7.25 14.76
O4' LMT H . 45.29 6.27 17.01
O5B LMT H . 46.30 9.74 16.85
O6B LMT H . 46.56 6.87 19.19
C1' LMT H . 42.98 14.86 15.55
C2' LMT H . 44.28 14.44 14.88
C3' LMT H . 44.48 12.94 14.96
C4' LMT H . 44.43 12.50 16.41
C5' LMT H . 43.19 13.09 17.05
C6' LMT H . 43.18 12.72 18.53
O1' LMT H . 42.82 16.27 15.48
O2' LMT H . 44.38 14.91 13.54
O3' LMT H . 45.74 12.68 14.37
O5' LMT H . 43.11 14.49 16.91
O6' LMT H . 41.88 12.44 19.00
C1 LMT H . 41.69 16.82 14.85
C2 LMT H . 41.89 18.32 14.74
C3 LMT H . 40.62 19.06 14.30
C4 LMT H . 40.14 20.06 15.35
C5 LMT H . 39.00 20.90 14.79
C6 LMT H . 39.02 22.31 15.38
C7 LMT H . 37.98 23.23 14.73
C8 LMT H . 36.97 23.73 15.76
C9 LMT H . 36.22 24.98 15.28
C10 LMT H . 35.04 25.26 16.21
C11 LMT H . 34.52 26.68 16.14
C12 LMT H . 33.45 26.87 17.20
#